data_4D5B
#
_entry.id   4D5B
#
_cell.length_a   140.559
_cell.length_b   77.397
_cell.length_c   110.792
_cell.angle_alpha   90.00
_cell.angle_beta   90.00
_cell.angle_gamma   90.00
#
_symmetry.space_group_name_H-M   'P 21 21 2'
#
loop_
_entity.id
_entity.type
_entity.pdbx_description
1 polymer CYMA
2 branched Cyclohexakis-(1-4)-(alpha-D-glucopyranose)
3 non-polymer (HYDROXYETHYLOXY)TRI(ETHYLOXY)OCTANE
4 water water
#
_entity_poly.entity_id   1
_entity_poly.type   'polypeptide(L)'
_entity_poly.pdbx_seq_one_letter_code
;ANVRLQHHHHHHHLEASDQRGYKPEDVAFDESFFSFGGHVGTSVEYEDKVTRGFNNTDKKEKTITNEVFNFFYNNPQWNF
MGFYSFKIENREQKEPGYYENEDGIKQLFSLNKGHDLGNGWATGLIYELEYTRSKVYSPDVSGLRKNLAEHSIRPYLTYW
NNDYNMGFYSNLEYLLSKEDRNAWGKRQEQGYSALFKPYKRFGNWEVGVEFYYQIKTNDEKQPDGTINEKSDFNERYIEP
IVQYSFDDAGTLYTRVRVGKNETKNTDRSGGGNAGINYFKDIRKATVGYEQSIGESWVAKAEYEYANEVEKKSRLSGWEA
RNKSELTQHTFYAQALYRF
;
_entity_poly.pdbx_strand_id   A,B
#
loop_
_chem_comp.id
_chem_comp.type
_chem_comp.name
_chem_comp.formula
C8E non-polymer (HYDROXYETHYLOXY)TRI(ETHYLOXY)OCTANE 'C16 H34 O5'
GLC D-saccharide, alpha linking alpha-D-glucopyranose 'C6 H12 O6'
#
# COMPACT_ATOMS: atom_id res chain seq x y z
N ALA A 28 26.10 6.70 3.25
CA ALA A 28 25.75 6.29 4.60
C ALA A 28 24.52 5.40 4.60
N PHE A 29 24.50 4.41 5.50
CA PHE A 29 23.42 3.43 5.56
C PHE A 29 22.09 4.04 5.97
N ASP A 30 22.13 4.92 6.97
CA ASP A 30 20.91 5.49 7.51
C ASP A 30 20.22 6.38 6.47
N GLU A 31 21.01 7.19 5.75
CA GLU A 31 20.44 8.09 4.77
C GLU A 31 20.09 7.38 3.46
N SER A 32 20.67 6.21 3.22
CA SER A 32 20.34 5.45 2.00
C SER A 32 18.89 5.01 2.06
N PHE A 33 18.39 4.84 3.28
CA PHE A 33 17.01 4.44 3.51
C PHE A 33 16.01 5.46 2.96
N PHE A 34 16.45 6.70 2.83
CA PHE A 34 15.56 7.78 2.39
C PHE A 34 15.77 8.16 0.93
N SER A 35 16.65 7.45 0.25
CA SER A 35 16.98 7.78 -1.14
CA SER A 35 16.98 7.78 -1.14
C SER A 35 16.16 6.93 -2.10
N PHE A 36 14.85 7.08 -2.03
CA PHE A 36 14.00 6.32 -2.93
C PHE A 36 13.07 7.25 -3.67
N GLY A 37 12.65 6.81 -4.84
CA GLY A 37 11.60 7.46 -5.57
C GLY A 37 10.68 6.33 -6.02
N GLY A 38 9.76 6.64 -6.92
CA GLY A 38 8.87 5.62 -7.43
C GLY A 38 7.52 6.22 -7.72
N HIS A 39 6.47 5.44 -7.50
CA HIS A 39 5.12 5.98 -7.70
C HIS A 39 4.11 5.23 -6.85
N VAL A 40 2.96 5.85 -6.64
CA VAL A 40 1.81 5.13 -6.10
C VAL A 40 0.69 5.31 -7.11
N GLY A 41 -0.15 4.31 -7.23
CA GLY A 41 -1.14 4.38 -8.28
C GLY A 41 -2.35 3.54 -8.02
N THR A 42 -3.28 3.62 -8.97
CA THR A 42 -4.51 2.83 -8.92
C THR A 42 -4.84 2.46 -10.36
N SER A 43 -5.58 1.38 -10.55
CA SER A 43 -5.98 1.03 -11.90
C SER A 43 -7.29 0.25 -11.87
N VAL A 44 -7.89 0.13 -13.04
CA VAL A 44 -9.08 -0.70 -13.20
CA VAL A 44 -9.10 -0.68 -13.21
C VAL A 44 -8.95 -1.48 -14.50
N GLU A 45 -9.36 -2.73 -14.46
CA GLU A 45 -9.27 -3.59 -15.63
C GLU A 45 -10.62 -4.25 -15.81
N TYR A 46 -11.14 -4.23 -17.04
CA TYR A 46 -12.40 -4.88 -17.34
C TYR A 46 -12.17 -5.92 -18.44
N GLU A 47 -12.55 -7.16 -18.17
CA GLU A 47 -12.37 -8.23 -19.15
C GLU A 47 -13.72 -8.78 -19.57
N ASP A 48 -13.94 -8.88 -20.88
CA ASP A 48 -15.16 -9.45 -21.42
C ASP A 48 -14.76 -10.68 -22.23
N LYS A 49 -15.19 -11.87 -21.79
CA LYS A 49 -14.78 -13.12 -22.43
C LYS A 49 -15.98 -13.87 -22.92
N VAL A 50 -15.87 -14.46 -24.10
CA VAL A 50 -16.86 -15.44 -24.52
C VAL A 50 -16.10 -16.66 -25.01
N THR A 51 -16.43 -17.81 -24.45
CA THR A 51 -15.82 -19.06 -24.89
C THR A 51 -16.91 -19.95 -25.46
N ARG A 52 -16.82 -20.27 -26.74
CA ARG A 52 -17.74 -21.24 -27.31
C ARG A 52 -16.98 -22.55 -27.30
N GLY A 53 -17.38 -23.45 -26.39
CA GLY A 53 -16.58 -24.62 -26.09
C GLY A 53 -16.85 -25.81 -26.99
N PHE A 54 -16.38 -26.97 -26.57
CA PHE A 54 -16.57 -28.21 -27.33
C PHE A 54 -18.04 -28.60 -27.37
N ASN A 55 -18.82 -28.03 -26.46
CA ASN A 55 -20.27 -28.26 -26.46
C ASN A 55 -21.02 -27.35 -27.43
N ASN A 56 -20.27 -26.49 -28.11
CA ASN A 56 -20.79 -25.51 -29.06
C ASN A 56 -21.80 -24.55 -28.43
N THR A 57 -21.63 -24.27 -27.14
CA THR A 57 -22.44 -23.24 -26.48
C THR A 57 -21.53 -22.18 -25.86
N ASP A 58 -22.09 -21.01 -25.59
CA ASP A 58 -21.28 -19.88 -25.11
C ASP A 58 -21.21 -19.78 -23.59
N LYS A 59 -19.99 -19.74 -23.07
CA LYS A 59 -19.74 -19.42 -21.68
C LYS A 59 -19.27 -17.96 -21.65
N LYS A 60 -20.04 -17.10 -21.01
CA LYS A 60 -19.76 -15.68 -21.01
C LYS A 60 -19.25 -15.25 -19.66
N GLU A 61 -18.11 -14.56 -19.64
CA GLU A 61 -17.52 -14.16 -18.39
C GLU A 61 -17.16 -12.70 -18.42
N LYS A 62 -17.47 -12.00 -17.34
CA LYS A 62 -17.05 -10.61 -17.21
C LYS A 62 -16.30 -10.46 -15.90
N THR A 63 -15.14 -9.82 -15.95
CA THR A 63 -14.33 -9.66 -14.75
C THR A 63 -13.94 -8.20 -14.58
N ILE A 64 -14.00 -7.72 -13.35
N ILE A 64 -14.03 -7.70 -13.37
CA ILE A 64 -13.55 -6.37 -13.03
CA ILE A 64 -13.51 -6.37 -13.09
C ILE A 64 -12.48 -6.45 -11.95
C ILE A 64 -12.46 -6.51 -12.01
N THR A 65 -11.32 -5.84 -12.21
CA THR A 65 -10.22 -5.88 -11.26
C THR A 65 -9.95 -4.45 -10.83
N ASN A 66 -10.16 -4.18 -9.55
CA ASN A 66 -9.95 -2.85 -8.99
C ASN A 66 -8.64 -2.86 -8.23
N GLU A 67 -7.61 -2.24 -8.80
CA GLU A 67 -6.34 -2.15 -8.11
C GLU A 67 -6.38 -0.93 -7.22
N VAL A 68 -6.69 -1.15 -5.95
CA VAL A 68 -6.94 -0.02 -5.08
CA VAL A 68 -6.91 -0.10 -4.96
C VAL A 68 -5.66 0.72 -4.72
N PHE A 69 -4.52 0.03 -4.79
CA PHE A 69 -3.24 0.64 -4.48
C PHE A 69 -2.13 -0.15 -5.12
N ASN A 70 -1.24 0.55 -5.80
CA ASN A 70 0.03 -0.07 -6.08
C ASN A 70 1.12 0.89 -5.71
N PHE A 71 2.28 0.34 -5.43
CA PHE A 71 3.41 1.11 -4.92
C PHE A 71 4.66 0.57 -5.58
N PHE A 72 5.29 1.39 -6.41
CA PHE A 72 6.57 1.08 -7.00
C PHE A 72 7.65 1.85 -6.25
N TYR A 73 8.67 1.12 -5.79
CA TYR A 73 9.71 1.66 -4.94
C TYR A 73 11.05 1.49 -5.65
N ASN A 74 11.80 2.57 -5.84
CA ASN A 74 13.04 2.48 -6.57
C ASN A 74 14.15 3.17 -5.79
N ASN A 75 15.12 2.39 -5.34
CA ASN A 75 16.21 2.93 -4.54
C ASN A 75 17.51 2.69 -5.28
N PRO A 76 17.92 3.68 -6.08
CA PRO A 76 19.11 3.53 -6.92
C PRO A 76 20.37 3.39 -6.08
N GLN A 77 20.31 3.84 -4.83
CA GLN A 77 21.43 3.70 -3.91
C GLN A 77 21.67 2.23 -3.61
N TRP A 78 20.57 1.49 -3.43
CA TRP A 78 20.64 0.06 -3.19
C TRP A 78 20.61 -0.75 -4.51
N ASN A 79 20.33 -0.08 -5.63
CA ASN A 79 19.93 -0.72 -6.89
C ASN A 79 18.91 -1.81 -6.61
N PHE A 80 17.85 -1.39 -5.93
CA PHE A 80 16.77 -2.27 -5.53
C PHE A 80 15.46 -1.63 -5.97
N MET A 81 14.58 -2.45 -6.55
CA MET A 81 13.24 -2.00 -6.89
C MET A 81 12.25 -2.93 -6.20
N GLY A 82 11.15 -2.38 -5.70
CA GLY A 82 10.12 -3.21 -5.09
C GLY A 82 8.77 -2.79 -5.62
N PHE A 83 7.80 -3.71 -5.56
CA PHE A 83 6.46 -3.41 -6.01
C PHE A 83 5.45 -4.11 -5.12
N TYR A 84 4.40 -3.38 -4.77
CA TYR A 84 3.30 -3.96 -4.01
C TYR A 84 1.99 -3.57 -4.67
N SER A 85 1.05 -4.51 -4.73
CA SER A 85 -0.26 -4.22 -5.28
C SER A 85 -1.35 -4.90 -4.46
N PHE A 86 -2.45 -4.19 -4.23
CA PHE A 86 -3.64 -4.75 -3.59
C PHE A 86 -4.80 -4.66 -4.59
N LYS A 87 -5.36 -5.80 -4.97
CA LYS A 87 -6.46 -5.83 -5.95
C LYS A 87 -7.72 -6.51 -5.41
N ILE A 88 -8.88 -5.97 -5.80
CA ILE A 88 -10.16 -6.61 -5.53
C ILE A 88 -10.71 -7.08 -6.87
N GLU A 89 -11.05 -8.37 -6.95
CA GLU A 89 -11.47 -8.99 -8.21
C GLU A 89 -12.90 -9.52 -8.11
N ASN A 90 -13.69 -9.29 -9.16
CA ASN A 90 -15.04 -9.84 -9.23
C ASN A 90 -15.29 -10.43 -10.61
N ARG A 91 -15.69 -11.69 -10.65
CA ARG A 91 -15.96 -12.37 -11.91
C ARG A 91 -17.38 -12.90 -11.93
N GLU A 92 -18.06 -12.74 -13.07
CA GLU A 92 -19.39 -13.32 -13.26
C GLU A 92 -19.38 -14.20 -14.50
N GLN A 93 -19.79 -15.46 -14.33
CA GLN A 93 -19.85 -16.41 -15.42
C GLN A 93 -21.29 -16.82 -15.69
N LYS A 94 -21.69 -16.81 -16.95
CA LYS A 94 -23.04 -17.20 -17.35
C LYS A 94 -23.01 -18.13 -18.55
N GLU A 95 -23.84 -19.16 -18.51
CA GLU A 95 -23.98 -20.06 -19.66
C GLU A 95 -25.33 -20.75 -19.55
N PRO A 96 -25.73 -21.50 -20.58
CA PRO A 96 -27.00 -22.23 -20.46
C PRO A 96 -27.06 -23.13 -19.22
N GLY A 97 -28.02 -22.86 -18.35
CA GLY A 97 -28.28 -23.72 -17.21
C GLY A 97 -27.32 -23.59 -16.04
N TYR A 98 -26.45 -22.58 -16.06
CA TYR A 98 -25.46 -22.45 -15.01
C TYR A 98 -24.97 -21.02 -14.87
N TYR A 99 -24.66 -20.63 -13.63
CA TYR A 99 -23.93 -19.39 -13.40
C TYR A 99 -22.94 -19.60 -12.28
N GLU A 100 -21.97 -18.71 -12.19
CA GLU A 100 -20.98 -18.77 -11.14
C GLU A 100 -20.45 -17.37 -10.91
N ASN A 101 -20.41 -16.94 -9.64
CA ASN A 101 -19.79 -15.66 -9.30
C ASN A 101 -18.62 -15.89 -8.38
N GLU A 102 -17.53 -15.15 -8.60
CA GLU A 102 -16.35 -15.33 -7.76
C GLU A 102 -15.83 -13.96 -7.36
N ASP A 103 -15.64 -13.76 -6.06
CA ASP A 103 -15.06 -12.50 -5.63
C ASP A 103 -13.78 -12.78 -4.85
N GLY A 104 -12.76 -11.97 -5.09
CA GLY A 104 -11.45 -12.26 -4.53
C GLY A 104 -10.64 -11.05 -4.17
N ILE A 105 -9.60 -11.29 -3.39
CA ILE A 105 -8.59 -10.27 -3.06
C ILE A 105 -7.22 -10.83 -3.45
N LYS A 106 -6.43 -10.02 -4.15
CA LYS A 106 -5.15 -10.45 -4.64
C LYS A 106 -4.05 -9.48 -4.19
N GLN A 107 -3.01 -10.02 -3.56
CA GLN A 107 -1.86 -9.19 -3.21
C GLN A 107 -0.61 -9.66 -3.92
N LEU A 108 0.14 -8.71 -4.44
CA LEU A 108 1.40 -8.99 -5.13
C LEU A 108 2.56 -8.31 -4.42
N PHE A 109 3.62 -9.08 -4.20
CA PHE A 109 4.87 -8.62 -3.59
C PHE A 109 6.00 -8.93 -4.55
N SER A 110 6.75 -7.92 -4.97
CA SER A 110 7.78 -8.11 -5.97
C SER A 110 9.07 -7.44 -5.53
N LEU A 111 10.17 -8.19 -5.53
CA LEU A 111 11.48 -7.68 -5.17
C LEU A 111 12.43 -7.84 -6.33
N ASN A 112 13.20 -6.81 -6.64
CA ASN A 112 14.13 -6.86 -7.75
C ASN A 112 15.48 -6.29 -7.31
N LYS A 113 16.47 -7.16 -7.14
CA LYS A 113 17.81 -6.69 -6.80
C LYS A 113 18.65 -6.74 -8.04
N GLY A 114 19.13 -5.57 -8.45
CA GLY A 114 19.87 -5.49 -9.69
C GLY A 114 21.31 -5.19 -9.47
N HIS A 115 22.08 -5.33 -10.54
CA HIS A 115 23.47 -5.01 -10.47
C HIS A 115 24.00 -4.50 -11.80
N ASP A 116 24.55 -3.29 -11.76
CA ASP A 116 25.15 -2.69 -12.94
C ASP A 116 26.52 -3.30 -13.20
N LEU A 117 26.68 -3.92 -14.37
CA LEU A 117 27.92 -4.59 -14.70
C LEU A 117 28.87 -3.73 -15.51
N GLY A 118 28.42 -2.55 -15.93
CA GLY A 118 29.24 -1.68 -16.75
C GLY A 118 29.13 -1.98 -18.24
N ASN A 119 29.52 -1.01 -19.06
CA ASN A 119 29.53 -1.15 -20.51
C ASN A 119 28.17 -1.54 -21.12
N GLY A 120 27.10 -1.12 -20.46
CA GLY A 120 25.76 -1.36 -20.96
C GLY A 120 25.11 -2.64 -20.47
N TRP A 121 25.86 -3.44 -19.72
CA TRP A 121 25.34 -4.71 -19.20
C TRP A 121 24.81 -4.58 -17.78
N ALA A 122 23.75 -5.32 -17.46
CA ALA A 122 23.29 -5.39 -16.09
C ALA A 122 22.61 -6.73 -15.86
N THR A 123 22.51 -7.11 -14.60
CA THR A 123 21.88 -8.39 -14.27
C THR A 123 21.14 -8.23 -12.96
N GLY A 124 20.45 -9.27 -12.54
CA GLY A 124 19.78 -9.20 -11.27
C GLY A 124 18.86 -10.38 -11.06
N LEU A 125 18.11 -10.30 -9.98
CA LEU A 125 17.16 -11.35 -9.63
C LEU A 125 15.85 -10.75 -9.20
N ILE A 126 14.76 -11.28 -9.75
CA ILE A 126 13.42 -10.90 -9.33
C ILE A 126 12.81 -12.05 -8.54
N TYR A 127 12.18 -11.71 -7.42
CA TYR A 127 11.42 -12.68 -6.65
C TYR A 127 10.03 -12.10 -6.47
N GLU A 128 9.02 -12.82 -6.97
CA GLU A 128 7.65 -12.34 -6.95
C GLU A 128 6.74 -13.34 -6.26
N LEU A 129 5.89 -12.85 -5.36
CA LEU A 129 4.91 -13.68 -4.67
C LEU A 129 3.54 -13.07 -4.88
N GLU A 130 2.58 -13.87 -5.34
CA GLU A 130 1.24 -13.34 -5.53
C GLU A 130 0.25 -14.26 -4.84
N TYR A 131 -0.56 -13.70 -3.94
CA TYR A 131 -1.53 -14.48 -3.17
C TYR A 131 -2.95 -14.02 -3.45
N THR A 132 -3.83 -14.98 -3.72
CA THR A 132 -5.23 -14.68 -3.99
C THR A 132 -6.13 -15.50 -3.07
N ARG A 133 -7.11 -14.83 -2.47
CA ARG A 133 -8.13 -15.52 -1.70
C ARG A 133 -9.47 -15.19 -2.33
N SER A 134 -10.29 -16.20 -2.61
CA SER A 134 -11.59 -15.90 -3.21
C SER A 134 -12.69 -16.85 -2.73
N LYS A 135 -13.92 -16.49 -3.05
CA LYS A 135 -15.09 -17.30 -2.74
C LYS A 135 -15.96 -17.44 -3.98
N VAL A 136 -16.50 -18.63 -4.18
CA VAL A 136 -17.29 -18.93 -5.37
C VAL A 136 -18.74 -19.22 -4.98
N TYR A 137 -19.67 -18.69 -5.77
CA TYR A 137 -21.10 -18.86 -5.55
C TYR A 137 -21.75 -19.37 -6.82
N SER A 138 -22.58 -20.40 -6.70
CA SER A 138 -23.22 -21.00 -7.85
C SER A 138 -24.53 -21.64 -7.38
N PRO A 139 -25.29 -22.25 -8.30
CA PRO A 139 -26.46 -22.97 -7.76
C PRO A 139 -26.09 -24.18 -6.89
N ASP A 140 -24.82 -24.58 -6.91
CA ASP A 140 -24.38 -25.82 -6.28
C ASP A 140 -23.44 -25.60 -5.09
N VAL A 141 -22.80 -24.44 -5.02
CA VAL A 141 -21.95 -24.12 -3.87
C VAL A 141 -22.22 -22.69 -3.39
N SER A 142 -22.03 -22.48 -2.10
CA SER A 142 -22.27 -21.17 -1.52
C SER A 142 -21.06 -20.73 -0.73
N GLY A 143 -20.18 -19.96 -1.36
CA GLY A 143 -19.00 -19.46 -0.69
C GLY A 143 -17.85 -20.46 -0.59
N LEU A 144 -17.71 -21.32 -1.61
CA LEU A 144 -16.57 -22.21 -1.65
C LEU A 144 -15.28 -21.40 -1.71
N ARG A 145 -14.34 -21.74 -0.83
CA ARG A 145 -13.11 -20.94 -0.68
C ARG A 145 -11.95 -21.47 -1.51
N LYS A 146 -11.27 -20.54 -2.17
CA LYS A 146 -10.07 -20.85 -2.93
C LYS A 146 -8.89 -20.01 -2.43
N ASN A 147 -7.77 -20.68 -2.18
CA ASN A 147 -6.53 -20.01 -1.81
C ASN A 147 -5.46 -20.32 -2.85
N LEU A 148 -4.87 -19.28 -3.42
CA LEU A 148 -3.86 -19.45 -4.46
C LEU A 148 -2.56 -18.75 -4.08
N ALA A 149 -1.45 -19.46 -4.26
CA ALA A 149 -0.14 -18.85 -4.02
C ALA A 149 0.72 -19.11 -5.25
N GLU A 150 1.28 -18.05 -5.82
CA GLU A 150 2.14 -18.18 -6.99
C GLU A 150 3.49 -17.57 -6.70
N HIS A 151 4.56 -18.29 -7.03
CA HIS A 151 5.92 -17.80 -6.78
C HIS A 151 6.67 -17.78 -8.09
N SER A 152 7.34 -16.65 -8.37
CA SER A 152 8.13 -16.53 -9.60
C SER A 152 9.54 -16.12 -9.23
N ILE A 153 10.53 -16.87 -9.67
CA ILE A 153 11.93 -16.46 -9.46
C ILE A 153 12.59 -16.27 -10.82
N ARG A 154 13.09 -15.06 -11.08
CA ARG A 154 13.55 -14.72 -12.42
C ARG A 154 14.91 -14.03 -12.43
N PRO A 155 15.97 -14.80 -12.68
CA PRO A 155 17.27 -14.18 -12.98
C PRO A 155 17.18 -13.51 -14.34
N TYR A 156 17.74 -12.33 -14.46
CA TYR A 156 17.66 -11.62 -15.72
C TYR A 156 18.99 -11.01 -16.13
N LEU A 157 19.09 -10.71 -17.42
CA LEU A 157 20.28 -10.14 -18.01
C LEU A 157 19.84 -9.10 -19.05
N THR A 158 20.34 -7.87 -18.90
CA THR A 158 19.97 -6.81 -19.84
C THR A 158 21.21 -6.20 -20.48
N TYR A 159 21.02 -5.68 -21.68
CA TYR A 159 22.11 -5.01 -22.39
C TYR A 159 21.57 -3.80 -23.11
N TRP A 160 22.32 -2.71 -23.06
CA TRP A 160 21.97 -1.55 -23.84
C TRP A 160 23.22 -0.97 -24.46
N ASN A 161 23.21 -0.85 -25.77
CA ASN A 161 24.34 -0.26 -26.50
C ASN A 161 23.99 1.15 -26.93
N ASN A 162 24.66 2.13 -26.34
CA ASN A 162 24.29 3.51 -26.59
C ASN A 162 24.68 3.99 -27.97
N ASP A 163 25.72 3.40 -28.55
CA ASP A 163 26.20 3.80 -29.87
C ASP A 163 25.26 3.32 -30.99
N TYR A 164 24.68 2.14 -30.80
CA TYR A 164 23.75 1.57 -31.77
C TYR A 164 22.29 1.90 -31.45
N ASN A 165 22.04 2.38 -30.24
CA ASN A 165 20.69 2.57 -29.70
C ASN A 165 19.88 1.28 -29.85
N MET A 166 20.52 0.18 -29.46
CA MET A 166 19.90 -1.15 -29.52
C MET A 166 20.24 -1.90 -28.24
N GLY A 167 19.39 -2.84 -27.86
CA GLY A 167 19.68 -3.64 -26.69
C GLY A 167 18.77 -4.83 -26.59
N PHE A 168 18.79 -5.48 -25.43
CA PHE A 168 17.81 -6.53 -25.18
C PHE A 168 17.52 -6.69 -23.70
N TYR A 169 16.35 -7.24 -23.43
CA TYR A 169 15.98 -7.74 -22.12
C TYR A 169 15.93 -9.26 -22.23
N SER A 170 16.40 -9.98 -21.22
CA SER A 170 16.25 -11.42 -21.23
C SER A 170 16.12 -11.93 -19.81
N ASN A 171 15.37 -13.02 -19.63
CA ASN A 171 15.32 -13.64 -18.31
C ASN A 171 15.00 -15.12 -18.40
N LEU A 172 15.30 -15.82 -17.32
CA LEU A 172 14.78 -17.15 -17.10
C LEU A 172 13.76 -17.07 -15.98
N GLU A 173 12.98 -18.13 -15.79
CA GLU A 173 11.97 -18.12 -14.73
C GLU A 173 11.72 -19.51 -14.21
N TYR A 174 11.61 -19.62 -12.88
CA TYR A 174 10.98 -20.76 -12.25
C TYR A 174 9.66 -20.29 -11.69
N LEU A 175 8.59 -21.01 -12.00
CA LEU A 175 7.25 -20.60 -11.57
C LEU A 175 6.54 -21.73 -10.86
N LEU A 176 6.03 -21.47 -9.67
CA LEU A 176 5.31 -22.48 -8.91
C LEU A 176 3.97 -21.92 -8.51
N SER A 177 2.90 -22.64 -8.80
N SER A 177 2.90 -22.66 -8.80
CA SER A 177 1.56 -22.19 -8.42
CA SER A 177 1.55 -22.24 -8.47
C SER A 177 0.83 -23.29 -7.69
C SER A 177 0.90 -23.33 -7.64
N LYS A 178 0.35 -22.96 -6.49
CA LYS A 178 -0.34 -23.93 -5.64
C LYS A 178 -1.70 -23.37 -5.25
N GLU A 179 -2.75 -24.12 -5.56
CA GLU A 179 -4.11 -23.67 -5.28
C GLU A 179 -4.87 -24.72 -4.47
N ASP A 180 -5.51 -24.26 -3.40
CA ASP A 180 -6.35 -25.15 -2.59
C ASP A 180 -7.79 -24.70 -2.79
N ARG A 181 -8.63 -25.58 -3.32
CA ARG A 181 -10.02 -25.24 -3.63
C ARG A 181 -10.97 -26.05 -2.74
N ASN A 182 -10.45 -26.49 -1.60
CA ASN A 182 -11.26 -27.20 -0.61
C ASN A 182 -12.02 -28.35 -1.23
N ALA A 183 -13.36 -28.31 -1.23
CA ALA A 183 -14.12 -29.46 -1.76
C ALA A 183 -13.79 -29.80 -3.22
N TRP A 184 -13.29 -28.82 -3.97
CA TRP A 184 -12.93 -29.08 -5.37
C TRP A 184 -11.48 -29.52 -5.52
N GLY A 185 -10.79 -29.74 -4.41
CA GLY A 185 -9.46 -30.33 -4.47
C GLY A 185 -8.32 -29.35 -4.57
N LYS A 186 -7.15 -29.86 -4.93
CA LYS A 186 -5.93 -29.06 -5.02
C LYS A 186 -5.30 -29.12 -6.40
N ARG A 187 -4.63 -28.04 -6.79
CA ARG A 187 -3.95 -28.02 -8.08
C ARG A 187 -2.58 -27.38 -7.94
N GLN A 188 -1.59 -28.02 -8.55
CA GLN A 188 -0.23 -27.47 -8.51
C GLN A 188 0.32 -27.41 -9.93
N GLU A 189 0.88 -26.27 -10.31
CA GLU A 189 1.58 -26.18 -11.58
C GLU A 189 3.01 -25.75 -11.30
N GLN A 190 3.97 -26.36 -11.99
CA GLN A 190 5.36 -26.05 -11.75
C GLN A 190 6.13 -26.07 -13.06
N GLY A 191 6.99 -25.09 -13.27
CA GLY A 191 7.71 -25.10 -14.53
C GLY A 191 8.66 -23.94 -14.73
N TYR A 192 9.04 -23.72 -15.98
CA TYR A 192 10.10 -22.78 -16.32
C TYR A 192 9.72 -21.99 -17.54
N SER A 193 10.30 -20.80 -17.66
CA SER A 193 10.16 -20.08 -18.92
C SER A 193 11.44 -19.31 -19.23
N ALA A 194 11.52 -18.85 -20.47
CA ALA A 194 12.65 -18.07 -20.93
C ALA A 194 12.09 -17.00 -21.86
N LEU A 195 12.64 -15.81 -21.74
CA LEU A 195 12.18 -14.70 -22.55
C LEU A 195 13.37 -13.93 -23.09
N PHE A 196 13.29 -13.56 -24.37
CA PHE A 196 14.35 -12.75 -25.00
C PHE A 196 13.68 -11.66 -25.82
N LYS A 197 14.02 -10.39 -25.54
CA LYS A 197 13.36 -9.26 -26.19
C LYS A 197 14.40 -8.26 -26.67
N PRO A 198 14.89 -8.44 -27.90
CA PRO A 198 15.74 -7.41 -28.51
C PRO A 198 14.90 -6.22 -28.93
N TYR A 199 15.48 -5.03 -28.88
CA TYR A 199 14.76 -3.83 -29.28
C TYR A 199 15.72 -2.77 -29.79
N LYS A 200 15.18 -1.82 -30.54
CA LYS A 200 15.96 -0.78 -31.17
C LYS A 200 15.21 0.55 -31.09
N ARG A 201 15.94 1.64 -30.88
CA ARG A 201 15.34 2.96 -30.88
C ARG A 201 15.90 3.78 -32.02
N PHE A 202 15.03 4.55 -32.67
CA PHE A 202 15.48 5.44 -33.72
C PHE A 202 14.52 6.62 -33.81
N GLY A 203 15.05 7.83 -33.62
CA GLY A 203 14.22 9.01 -33.52
C GLY A 203 13.23 8.85 -32.37
N ASN A 204 11.96 9.05 -32.66
CA ASN A 204 10.94 8.91 -31.63
C ASN A 204 10.33 7.50 -31.58
N TRP A 205 10.88 6.59 -32.38
CA TRP A 205 10.38 5.23 -32.48
C TRP A 205 11.12 4.23 -31.60
N GLU A 206 10.42 3.22 -31.12
CA GLU A 206 11.09 2.05 -30.58
C GLU A 206 10.40 0.82 -31.12
N VAL A 207 11.19 -0.15 -31.57
CA VAL A 207 10.62 -1.40 -32.06
C VAL A 207 11.31 -2.54 -31.33
N GLY A 208 10.54 -3.55 -30.93
CA GLY A 208 11.12 -4.71 -30.29
C GLY A 208 10.37 -5.97 -30.66
N VAL A 209 10.93 -7.13 -30.31
CA VAL A 209 10.22 -8.38 -30.52
C VAL A 209 10.46 -9.27 -29.31
N GLU A 210 9.38 -9.71 -28.68
CA GLU A 210 9.50 -10.59 -27.54
C GLU A 210 9.37 -12.05 -28.01
N PHE A 211 10.36 -12.87 -27.66
CA PHE A 211 10.31 -14.31 -27.91
C PHE A 211 10.15 -14.99 -26.58
N TYR A 212 9.21 -15.93 -26.46
CA TYR A 212 8.90 -16.55 -25.18
C TYR A 212 8.69 -18.06 -25.30
N TYR A 213 9.19 -18.81 -24.32
CA TYR A 213 9.01 -20.26 -24.28
C TYR A 213 8.75 -20.67 -22.84
N GLN A 214 7.76 -21.53 -22.63
CA GLN A 214 7.44 -21.97 -21.27
C GLN A 214 7.17 -23.47 -21.26
N ILE A 215 7.61 -24.16 -20.21
CA ILE A 215 7.21 -25.56 -20.03
C ILE A 215 6.66 -25.69 -18.62
N LYS A 216 5.68 -26.55 -18.41
CA LYS A 216 5.23 -26.77 -17.04
C LYS A 216 4.52 -28.10 -16.91
N THR A 217 4.36 -28.54 -15.67
N THR A 217 4.42 -28.57 -15.67
CA THR A 217 3.64 -29.76 -15.35
CA THR A 217 3.64 -29.75 -15.35
C THR A 217 2.43 -29.44 -14.48
C THR A 217 2.38 -29.28 -14.62
N ASN A 218 1.27 -29.98 -14.84
CA ASN A 218 0.03 -29.72 -14.13
C ASN A 218 -0.37 -30.92 -13.31
N ASP A 219 -0.72 -30.70 -12.05
CA ASP A 219 -1.20 -31.81 -11.21
C ASP A 219 -2.42 -31.37 -10.43
N GLU A 220 -3.56 -32.02 -10.68
CA GLU A 220 -4.78 -31.66 -9.97
C GLU A 220 -5.42 -32.91 -9.40
N LYS A 221 -5.78 -32.86 -8.11
CA LYS A 221 -6.39 -34.00 -7.45
C LYS A 221 -7.62 -33.58 -6.65
N GLN A 222 -8.55 -34.52 -6.52
CA GLN A 222 -9.68 -34.37 -5.62
C GLN A 222 -9.24 -34.53 -4.18
N PRO A 223 -10.10 -34.14 -3.21
CA PRO A 223 -9.70 -34.29 -1.81
C PRO A 223 -9.34 -35.74 -1.41
N ASP A 224 -9.96 -36.74 -2.03
CA ASP A 224 -9.64 -38.12 -1.66
C ASP A 224 -8.44 -38.68 -2.44
N GLY A 225 -7.81 -37.83 -3.24
CA GLY A 225 -6.61 -38.21 -3.95
C GLY A 225 -6.83 -38.61 -5.41
N THR A 226 -8.09 -38.73 -5.81
CA THR A 226 -8.41 -39.05 -7.20
C THR A 226 -7.80 -38.02 -8.13
N ILE A 227 -7.10 -38.48 -9.16
CA ILE A 227 -6.45 -37.55 -10.09
C ILE A 227 -7.43 -37.00 -11.12
N ASN A 228 -7.55 -35.68 -11.16
CA ASN A 228 -8.30 -35.02 -12.21
C ASN A 228 -7.41 -34.80 -13.43
N GLU A 229 -6.19 -34.34 -13.20
CA GLU A 229 -5.28 -34.05 -14.29
C GLU A 229 -3.84 -34.31 -13.90
N LYS A 230 -3.10 -34.94 -14.80
CA LYS A 230 -1.66 -34.99 -14.72
C LYS A 230 -1.17 -34.81 -16.14
N SER A 231 -0.55 -33.67 -16.42
CA SER A 231 -0.25 -33.33 -17.81
C SER A 231 1.00 -32.49 -17.92
N ASP A 232 1.56 -32.46 -19.13
CA ASP A 232 2.72 -31.64 -19.46
C ASP A 232 2.31 -30.57 -20.45
N PHE A 233 2.83 -29.37 -20.27
CA PHE A 233 2.41 -28.23 -21.07
C PHE A 233 3.63 -27.51 -21.64
N ASN A 234 3.50 -26.97 -22.84
CA ASN A 234 4.49 -26.01 -23.31
C ASN A 234 3.83 -24.93 -24.17
N GLU A 235 4.41 -23.74 -24.16
CA GLU A 235 3.87 -22.61 -24.90
C GLU A 235 5.02 -21.86 -25.53
N ARG A 236 4.80 -21.33 -26.73
CA ARG A 236 5.75 -20.39 -27.31
C ARG A 236 4.99 -19.25 -27.95
N TYR A 237 5.57 -18.06 -27.94
CA TYR A 237 4.97 -16.99 -28.74
C TYR A 237 6.05 -16.04 -29.22
N ILE A 238 5.68 -15.26 -30.23
CA ILE A 238 6.49 -14.17 -30.74
C ILE A 238 5.60 -12.94 -30.71
N GLU A 239 6.11 -11.83 -30.20
CA GLU A 239 5.29 -10.64 -30.04
C GLU A 239 6.06 -9.36 -30.38
N PRO A 240 5.95 -8.91 -31.64
CA PRO A 240 6.48 -7.60 -32.04
C PRO A 240 5.78 -6.47 -31.30
N ILE A 241 6.54 -5.41 -31.04
CA ILE A 241 6.00 -4.22 -30.39
C ILE A 241 6.53 -3.00 -31.10
N VAL A 242 5.65 -2.04 -31.35
CA VAL A 242 6.05 -0.79 -31.97
C VAL A 242 5.54 0.36 -31.11
N GLN A 243 6.41 1.32 -30.78
CA GLN A 243 5.92 2.48 -30.07
C GLN A 243 6.46 3.77 -30.66
N TYR A 244 5.69 4.83 -30.46
CA TYR A 244 6.07 6.15 -30.94
C TYR A 244 5.84 7.17 -29.84
N SER A 245 6.86 7.97 -29.54
CA SER A 245 6.74 9.00 -28.52
C SER A 245 6.57 10.37 -29.15
N PHE A 246 5.44 10.99 -28.91
CA PHE A 246 5.15 12.32 -29.46
C PHE A 246 5.91 13.37 -28.68
N ASP A 247 6.50 14.33 -29.40
CA ASP A 247 7.25 15.42 -28.75
C ASP A 247 6.42 16.16 -27.72
N ASP A 248 5.21 16.56 -28.09
CA ASP A 248 4.46 17.41 -27.17
C ASP A 248 3.59 16.63 -26.20
N ALA A 249 3.78 15.31 -26.13
CA ALA A 249 2.90 14.51 -25.30
C ALA A 249 3.40 13.10 -24.98
N GLY A 250 2.54 12.10 -25.13
CA GLY A 250 2.83 10.79 -24.61
C GLY A 250 3.37 9.78 -25.61
N THR A 251 3.23 8.52 -25.24
CA THR A 251 3.73 7.41 -26.02
C THR A 251 2.60 6.48 -26.45
N LEU A 252 2.47 6.29 -27.75
CA LEU A 252 1.48 5.37 -28.33
C LEU A 252 2.15 4.05 -28.68
N TYR A 253 1.53 2.91 -28.36
CA TYR A 253 2.17 1.65 -28.65
C TYR A 253 1.19 0.58 -29.08
N THR A 254 1.70 -0.38 -29.84
CA THR A 254 0.93 -1.53 -30.30
CA THR A 254 0.90 -1.54 -30.23
C THR A 254 1.76 -2.79 -30.16
N ARG A 255 1.13 -3.90 -29.77
CA ARG A 255 1.81 -5.19 -29.66
C ARG A 255 0.92 -6.20 -30.34
N VAL A 256 1.52 -7.12 -31.09
CA VAL A 256 0.74 -8.20 -31.70
CA VAL A 256 0.73 -8.20 -31.66
C VAL A 256 1.43 -9.52 -31.34
N ARG A 257 0.66 -10.47 -30.82
CA ARG A 257 1.24 -11.75 -30.41
C ARG A 257 0.70 -12.87 -31.28
N VAL A 258 1.58 -13.74 -31.73
CA VAL A 258 1.17 -15.00 -32.33
C VAL A 258 1.82 -16.11 -31.54
N GLY A 259 1.02 -17.06 -31.06
CA GLY A 259 1.55 -18.11 -30.21
C GLY A 259 0.85 -19.45 -30.36
N LYS A 260 1.42 -20.46 -29.71
CA LYS A 260 0.82 -21.79 -29.70
C LYS A 260 1.10 -22.41 -28.36
N ASN A 261 0.17 -23.21 -27.85
CA ASN A 261 0.56 -24.07 -26.74
C ASN A 261 -0.10 -25.45 -26.86
N GLU A 262 0.37 -26.36 -26.03
CA GLU A 262 -0.15 -27.72 -26.05
C GLU A 262 -0.09 -28.32 -24.67
N THR A 263 -1.12 -29.09 -24.34
CA THR A 263 -1.21 -29.75 -23.06
C THR A 263 -1.34 -31.23 -23.35
N LYS A 264 -0.40 -32.03 -22.86
CA LYS A 264 -0.43 -33.47 -23.14
C LYS A 264 -0.69 -34.24 -21.87
N ASN A 265 -1.86 -34.88 -21.80
CA ASN A 265 -2.24 -35.61 -20.60
C ASN A 265 -1.60 -36.99 -20.53
N THR A 266 -1.13 -37.38 -19.35
CA THR A 266 -0.69 -38.75 -19.13
C THR A 266 -1.91 -39.66 -19.07
N ASP A 267 -1.67 -40.97 -18.96
CA ASP A 267 -2.79 -41.91 -18.91
C ASP A 267 -3.48 -41.89 -17.54
N ARG A 268 -3.01 -41.05 -16.62
CA ARG A 268 -3.61 -40.97 -15.30
C ARG A 268 -4.69 -39.88 -15.15
N SER A 269 -4.80 -38.97 -16.13
CA SER A 269 -5.82 -37.92 -16.06
C SER A 269 -7.22 -38.50 -16.06
N GLY A 270 -8.13 -37.80 -15.39
CA GLY A 270 -9.49 -38.27 -15.25
C GLY A 270 -10.43 -37.60 -16.24
N GLY A 271 -11.73 -37.92 -16.12
CA GLY A 271 -12.77 -37.22 -16.85
C GLY A 271 -12.73 -37.38 -18.37
N GLY A 272 -12.08 -38.45 -18.83
CA GLY A 272 -12.00 -38.72 -20.25
C GLY A 272 -10.77 -38.13 -20.88
N ASN A 273 -9.93 -37.49 -20.09
CA ASN A 273 -8.73 -36.86 -20.63
C ASN A 273 -7.46 -37.72 -20.59
N ALA A 274 -7.56 -38.97 -20.13
CA ALA A 274 -6.39 -39.84 -20.13
C ALA A 274 -5.81 -39.93 -21.55
N GLY A 275 -4.53 -39.58 -21.69
CA GLY A 275 -3.84 -39.67 -22.97
C GLY A 275 -4.27 -38.68 -24.03
N ILE A 276 -5.09 -37.70 -23.64
CA ILE A 276 -5.61 -36.73 -24.59
C ILE A 276 -4.71 -35.50 -24.67
N ASN A 277 -4.46 -35.02 -25.89
CA ASN A 277 -3.67 -33.81 -26.09
C ASN A 277 -4.54 -32.65 -26.56
N TYR A 278 -4.25 -31.46 -26.04
CA TYR A 278 -4.93 -30.24 -26.43
C TYR A 278 -3.94 -29.34 -27.16
N PHE A 279 -4.36 -28.79 -28.29
CA PHE A 279 -3.51 -27.90 -29.07
C PHE A 279 -4.21 -26.56 -29.24
N LYS A 280 -3.53 -25.48 -28.88
CA LYS A 280 -4.16 -24.16 -28.92
C LYS A 280 -3.36 -23.17 -29.77
N ASP A 281 -4.05 -22.44 -30.64
CA ASP A 281 -3.48 -21.32 -31.39
C ASP A 281 -3.89 -20.00 -30.76
N ILE A 282 -2.93 -19.10 -30.60
CA ILE A 282 -3.17 -17.85 -29.84
C ILE A 282 -2.86 -16.62 -30.71
N ARG A 283 -3.79 -15.66 -30.75
CA ARG A 283 -3.54 -14.39 -31.42
C ARG A 283 -3.99 -13.26 -30.52
N LYS A 284 -3.15 -12.24 -30.34
CA LYS A 284 -3.54 -11.07 -29.54
C LYS A 284 -3.09 -9.80 -30.22
N ALA A 285 -3.83 -8.72 -29.99
CA ALA A 285 -3.42 -7.41 -30.46
C ALA A 285 -3.74 -6.41 -29.37
N THR A 286 -2.77 -5.55 -29.07
CA THR A 286 -2.90 -4.55 -28.01
C THR A 286 -2.61 -3.17 -28.56
N VAL A 287 -3.38 -2.17 -28.13
CA VAL A 287 -3.01 -0.79 -28.41
CA VAL A 287 -3.07 -0.77 -28.43
C VAL A 287 -3.17 0.02 -27.13
N GLY A 288 -2.18 0.86 -26.85
CA GLY A 288 -2.21 1.60 -25.61
C GLY A 288 -1.57 2.97 -25.75
N TYR A 289 -1.79 3.81 -24.74
CA TYR A 289 -1.23 5.15 -24.76
C TYR A 289 -0.95 5.57 -23.34
N GLU A 290 0.23 6.15 -23.12
CA GLU A 290 0.63 6.61 -21.79
C GLU A 290 1.11 8.04 -21.91
N GLN A 291 0.72 8.90 -20.98
CA GLN A 291 1.15 10.29 -21.03
C GLN A 291 1.33 10.90 -19.66
N SER A 292 2.39 11.70 -19.51
CA SER A 292 2.60 12.46 -18.28
C SER A 292 1.62 13.62 -18.22
N ILE A 293 1.20 13.95 -17.01
CA ILE A 293 0.32 15.08 -16.78
C ILE A 293 0.97 15.92 -15.70
N GLY A 294 1.64 16.99 -16.13
CA GLY A 294 2.41 17.79 -15.21
C GLY A 294 3.66 17.04 -14.81
N GLU A 295 4.24 17.40 -13.66
CA GLU A 295 5.50 16.81 -13.26
C GLU A 295 5.31 15.50 -12.49
N SER A 296 4.11 15.29 -11.95
CA SER A 296 3.95 14.20 -10.99
C SER A 296 3.03 13.08 -11.46
N TRP A 297 2.07 13.38 -12.33
CA TRP A 297 1.10 12.35 -12.69
C TRP A 297 1.38 11.69 -14.03
N VAL A 298 0.98 10.41 -14.14
CA VAL A 298 1.06 9.73 -15.42
C VAL A 298 -0.20 8.90 -15.59
N ALA A 299 -0.81 8.96 -16.77
CA ALA A 299 -2.00 8.17 -17.01
C ALA A 299 -1.78 7.22 -18.19
N LYS A 300 -2.46 6.07 -18.17
CA LYS A 300 -2.31 5.08 -19.22
C LYS A 300 -3.63 4.40 -19.52
N ALA A 301 -3.88 4.14 -20.79
CA ALA A 301 -5.07 3.37 -21.15
C ALA A 301 -4.68 2.36 -22.20
N GLU A 302 -5.28 1.18 -22.15
CA GLU A 302 -4.89 0.12 -23.04
C GLU A 302 -6.07 -0.75 -23.40
N TYR A 303 -6.11 -1.19 -24.66
CA TYR A 303 -7.10 -2.17 -25.10
C TYR A 303 -6.39 -3.41 -25.60
N GLU A 304 -6.88 -4.59 -25.22
CA GLU A 304 -6.31 -5.83 -25.75
C GLU A 304 -7.40 -6.74 -26.29
N TYR A 305 -7.16 -7.26 -27.48
CA TYR A 305 -8.00 -8.29 -28.07
C TYR A 305 -7.26 -9.62 -28.00
N ALA A 306 -7.94 -10.69 -27.62
CA ALA A 306 -7.33 -12.02 -27.68
C ALA A 306 -8.28 -13.02 -28.31
N ASN A 307 -7.75 -13.90 -29.15
CA ASN A 307 -8.53 -14.99 -29.73
C ASN A 307 -7.71 -16.26 -29.61
N GLU A 308 -8.27 -17.28 -28.99
CA GLU A 308 -7.54 -18.52 -28.78
C GLU A 308 -8.42 -19.68 -29.22
N VAL A 309 -7.91 -20.53 -30.09
CA VAL A 309 -8.71 -21.65 -30.61
C VAL A 309 -8.00 -22.94 -30.30
N GLU A 310 -8.73 -23.88 -29.70
CA GLU A 310 -8.17 -25.11 -29.16
C GLU A 310 -8.86 -26.31 -29.81
N LYS A 311 -8.10 -27.38 -30.03
CA LYS A 311 -8.69 -28.66 -30.44
C LYS A 311 -8.04 -29.79 -29.67
N LYS A 312 -8.73 -30.93 -29.62
CA LYS A 312 -8.23 -32.13 -28.97
C LYS A 312 -7.71 -33.16 -29.97
N SER A 313 -6.82 -34.02 -29.49
CA SER A 313 -6.34 -35.14 -30.31
C SER A 313 -7.47 -36.13 -30.63
N ARG A 314 -8.43 -36.26 -29.71
CA ARG A 314 -9.55 -37.19 -29.84
C ARG A 314 -10.67 -36.72 -28.91
N LEU A 315 -11.91 -36.77 -29.38
CA LEU A 315 -13.08 -36.41 -28.57
C LEU A 315 -13.52 -37.62 -27.77
N SER A 316 -14.04 -37.35 -26.59
CA SER A 316 -14.46 -38.40 -25.67
C SER A 316 -15.80 -38.97 -26.11
N GLY A 317 -16.65 -38.11 -26.66
CA GLY A 317 -17.93 -38.56 -27.15
C GLY A 317 -19.10 -37.64 -26.80
N TRP A 318 -18.93 -36.84 -25.76
CA TRP A 318 -19.98 -35.90 -25.33
C TRP A 318 -19.95 -34.60 -26.11
N GLU A 319 -18.82 -34.31 -26.74
CA GLU A 319 -18.61 -33.03 -27.43
C GLU A 319 -19.46 -32.89 -28.69
N ALA A 320 -19.84 -31.66 -29.00
CA ALA A 320 -20.59 -31.39 -30.23
C ALA A 320 -19.67 -31.07 -31.40
N ARG A 321 -18.41 -30.73 -31.12
CA ARG A 321 -17.45 -30.38 -32.17
C ARG A 321 -16.04 -30.45 -31.61
N ASN A 322 -15.02 -30.51 -32.48
CA ASN A 322 -13.64 -30.49 -32.00
C ASN A 322 -13.07 -29.09 -32.14
N LYS A 323 -13.63 -28.18 -31.35
CA LYS A 323 -13.20 -26.79 -31.37
C LYS A 323 -13.68 -26.10 -30.11
N SER A 324 -12.78 -25.34 -29.48
CA SER A 324 -13.15 -24.51 -28.36
C SER A 324 -12.48 -23.16 -28.59
N GLU A 325 -13.27 -22.10 -28.60
CA GLU A 325 -12.76 -20.78 -29.01
C GLU A 325 -13.05 -19.69 -27.99
N LEU A 326 -12.00 -19.04 -27.52
CA LEU A 326 -12.11 -17.87 -26.65
C LEU A 326 -11.94 -16.59 -27.44
N THR A 327 -12.85 -15.64 -27.23
CA THR A 327 -12.66 -14.29 -27.75
C THR A 327 -12.75 -13.35 -26.55
N GLN A 328 -11.72 -12.54 -26.36
CA GLN A 328 -11.64 -11.71 -25.16
C GLN A 328 -11.30 -10.27 -25.52
N HIS A 329 -12.00 -9.33 -24.89
CA HIS A 329 -11.69 -7.92 -25.00
C HIS A 329 -11.36 -7.40 -23.62
N THR A 330 -10.22 -6.73 -23.48
CA THR A 330 -9.80 -6.24 -22.17
C THR A 330 -9.55 -4.75 -22.25
N PHE A 331 -10.03 -4.00 -21.26
CA PHE A 331 -9.83 -2.55 -21.16
C PHE A 331 -9.14 -2.23 -19.85
N TYR A 332 -8.09 -1.43 -19.92
CA TYR A 332 -7.29 -1.13 -18.74
C TYR A 332 -7.02 0.35 -18.65
N ALA A 333 -7.18 0.93 -17.46
CA ALA A 333 -6.84 2.33 -17.24
C ALA A 333 -6.12 2.48 -15.91
N GLN A 334 -5.10 3.34 -15.90
CA GLN A 334 -4.19 3.46 -14.76
C GLN A 334 -3.83 4.93 -14.54
N ALA A 335 -3.73 5.34 -13.29
CA ALA A 335 -3.24 6.68 -12.96
C ALA A 335 -2.18 6.55 -11.88
N LEU A 336 -1.02 7.17 -12.10
CA LEU A 336 0.08 7.08 -11.14
C LEU A 336 0.52 8.44 -10.69
N TYR A 337 0.95 8.52 -9.44
CA TYR A 337 1.56 9.72 -8.90
C TYR A 337 3.01 9.41 -8.60
N ARG A 338 3.92 10.10 -9.29
CA ARG A 338 5.36 9.85 -9.10
C ARG A 338 5.97 10.76 -8.05
N PHE A 339 6.97 10.23 -7.36
CA PHE A 339 7.72 11.00 -6.39
C PHE A 339 9.18 10.57 -6.42
N GLU B 31 -2.91 -21.06 4.99
CA GLU B 31 -4.05 -21.57 5.72
C GLU B 31 -4.62 -20.47 6.63
N SER B 32 -4.03 -20.33 7.82
CA SER B 32 -4.32 -19.20 8.68
C SER B 32 -3.71 -17.95 8.04
N PHE B 33 -2.68 -18.20 7.23
CA PHE B 33 -2.02 -17.19 6.42
C PHE B 33 -3.02 -16.49 5.50
N PHE B 34 -4.04 -17.24 5.08
CA PHE B 34 -5.07 -16.73 4.19
C PHE B 34 -6.32 -16.24 4.92
N SER B 35 -6.30 -16.22 6.26
CA SER B 35 -7.49 -15.89 7.02
CA SER B 35 -7.50 -15.88 7.02
C SER B 35 -7.38 -14.59 7.81
N PHE B 36 -6.71 -13.60 7.24
CA PHE B 36 -6.69 -12.30 7.87
C PHE B 36 -7.99 -11.57 7.59
N GLY B 37 -8.45 -10.78 8.55
CA GLY B 37 -9.50 -9.81 8.28
C GLY B 37 -8.84 -8.44 8.27
N GLY B 38 -9.62 -7.39 8.04
CA GLY B 38 -9.10 -6.05 8.19
C GLY B 38 -9.80 -5.07 7.29
N HIS B 39 -9.08 -4.05 6.85
CA HIS B 39 -9.67 -3.07 5.94
C HIS B 39 -8.60 -2.42 5.07
N VAL B 40 -9.03 -1.87 3.95
CA VAL B 40 -8.21 -0.95 3.18
C VAL B 40 -8.99 0.34 3.03
N GLY B 41 -8.32 1.47 3.18
CA GLY B 41 -9.04 2.72 3.10
C GLY B 41 -8.16 3.89 2.71
N THR B 42 -8.75 5.07 2.80
CA THR B 42 -8.06 6.32 2.46
C THR B 42 -8.55 7.38 3.43
N SER B 43 -7.77 8.44 3.58
CA SER B 43 -8.20 9.56 4.42
C SER B 43 -7.58 10.85 3.93
N VAL B 44 -8.13 11.96 4.40
CA VAL B 44 -7.56 13.26 4.10
C VAL B 44 -7.63 14.10 5.36
N GLU B 45 -6.60 14.90 5.58
CA GLU B 45 -6.57 15.76 6.75
C GLU B 45 -6.18 17.15 6.29
N TYR B 46 -6.91 18.14 6.77
CA TYR B 46 -6.70 19.54 6.43
C TYR B 46 -6.44 20.29 7.73
N GLU B 47 -5.24 20.85 7.86
CA GLU B 47 -4.85 21.55 9.07
CA GLU B 47 -4.84 21.56 9.07
C GLU B 47 -4.57 23.03 8.76
N ASP B 48 -5.23 23.91 9.50
CA ASP B 48 -5.08 25.36 9.35
C ASP B 48 -4.54 25.91 10.66
N LYS B 49 -3.31 26.44 10.63
CA LYS B 49 -2.66 26.92 11.84
C LYS B 49 -2.32 28.37 11.72
N VAL B 50 -2.53 29.13 12.80
CA VAL B 50 -1.99 30.48 12.87
C VAL B 50 -1.24 30.57 14.19
N THR B 51 0.03 30.93 14.12
CA THR B 51 0.83 31.14 15.32
C THR B 51 1.23 32.60 15.41
N ARG B 52 0.77 33.29 16.45
CA ARG B 52 1.28 34.63 16.68
C ARG B 52 2.38 34.51 17.72
N GLY B 53 3.63 34.65 17.26
CA GLY B 53 4.78 34.31 18.08
C GLY B 53 5.24 35.41 19.01
N PHE B 54 6.43 35.21 19.57
CA PHE B 54 7.06 36.23 20.41
C PHE B 54 7.36 37.52 19.63
N ASN B 55 7.38 37.44 18.31
CA ASN B 55 7.55 38.63 17.46
C ASN B 55 6.24 39.39 17.25
N ASN B 56 5.16 38.84 17.81
CA ASN B 56 3.81 39.40 17.69
C ASN B 56 3.33 39.54 16.24
N THR B 57 3.81 38.65 15.36
CA THR B 57 3.31 38.59 14.00
C THR B 57 2.77 37.19 13.71
N ASP B 58 1.93 37.06 12.69
CA ASP B 58 1.27 35.79 12.39
C ASP B 58 2.05 34.94 11.40
N LYS B 59 2.36 33.73 11.83
CA LYS B 59 2.85 32.69 10.94
C LYS B 59 1.67 31.78 10.59
N LYS B 60 1.29 31.75 9.32
CA LYS B 60 0.14 30.97 8.88
C LYS B 60 0.59 29.72 8.14
N GLU B 61 0.05 28.58 8.53
CA GLU B 61 0.44 27.33 7.91
C GLU B 61 -0.79 26.52 7.54
N LYS B 62 -0.78 26.00 6.32
CA LYS B 62 -1.82 25.08 5.89
C LYS B 62 -1.17 23.78 5.46
N THR B 63 -1.67 22.67 6.00
CA THR B 63 -1.10 21.36 5.70
C THR B 63 -2.20 20.44 5.26
N ILE B 64 -2.00 19.82 4.10
CA ILE B 64 -2.94 18.83 3.62
C ILE B 64 -2.25 17.48 3.57
N THR B 65 -2.85 16.47 4.19
CA THR B 65 -2.26 15.15 4.25
C THR B 65 -3.18 14.18 3.55
N ASN B 66 -2.69 13.60 2.47
CA ASN B 66 -3.48 12.67 1.69
C ASN B 66 -3.03 11.25 1.95
N GLU B 67 -3.82 10.49 2.69
CA GLU B 67 -3.46 9.11 2.98
C GLU B 67 -4.06 8.26 1.87
N VAL B 68 -3.23 7.89 0.92
CA VAL B 68 -3.76 7.21 -0.27
C VAL B 68 -3.97 5.72 -0.03
N PHE B 69 -3.45 5.21 1.09
CA PHE B 69 -3.61 3.80 1.43
C PHE B 69 -3.46 3.64 2.92
N ASN B 70 -4.51 3.09 3.55
CA ASN B 70 -4.64 2.85 4.98
C ASN B 70 -4.99 1.36 5.08
N PHE B 71 -4.04 0.53 5.50
CA PHE B 71 -4.19 -0.93 5.40
C PHE B 71 -4.07 -1.58 6.78
N PHE B 72 -5.18 -2.11 7.30
CA PHE B 72 -5.21 -2.77 8.59
C PHE B 72 -5.46 -4.26 8.39
N TYR B 73 -4.67 -5.10 9.05
CA TYR B 73 -4.92 -6.53 8.94
C TYR B 73 -4.80 -7.19 10.30
N ASN B 74 -5.67 -8.17 10.51
CA ASN B 74 -5.87 -8.73 11.82
C ASN B 74 -6.01 -10.24 11.70
N ASN B 75 -5.21 -10.99 12.45
CA ASN B 75 -5.33 -12.43 12.48
C ASN B 75 -5.60 -12.88 13.91
N PRO B 76 -6.89 -13.10 14.25
CA PRO B 76 -7.27 -13.42 15.62
C PRO B 76 -6.65 -14.73 16.12
N GLN B 77 -6.37 -15.64 15.19
CA GLN B 77 -5.77 -16.92 15.49
C GLN B 77 -4.34 -16.74 16.00
N TRP B 78 -3.63 -15.78 15.43
CA TRP B 78 -2.28 -15.46 15.86
C TRP B 78 -2.29 -14.38 16.95
N ASN B 79 -3.46 -13.78 17.17
CA ASN B 79 -3.61 -12.57 18.00
C ASN B 79 -2.57 -11.54 17.60
N PHE B 80 -2.59 -11.20 16.31
CA PHE B 80 -1.64 -10.28 15.76
C PHE B 80 -2.36 -9.33 14.83
N MET B 81 -2.03 -8.04 14.96
CA MET B 81 -2.60 -7.00 14.11
C MET B 81 -1.46 -6.24 13.46
N GLY B 82 -1.63 -5.85 12.20
CA GLY B 82 -0.62 -5.02 11.55
C GLY B 82 -1.28 -3.86 10.86
N PHE B 83 -0.50 -2.82 10.58
CA PHE B 83 -1.03 -1.64 9.90
C PHE B 83 0.04 -1.03 9.03
N TYR B 84 -0.35 -0.58 7.84
CA TYR B 84 0.55 0.15 6.96
C TYR B 84 -0.18 1.36 6.42
N SER B 85 0.53 2.48 6.32
CA SER B 85 -0.05 3.72 5.80
C SER B 85 0.92 4.43 4.88
N PHE B 86 0.41 4.91 3.74
CA PHE B 86 1.19 5.74 2.83
C PHE B 86 0.52 7.10 2.73
N LYS B 87 1.24 8.15 3.14
CA LYS B 87 0.73 9.51 3.11
C LYS B 87 1.58 10.48 2.28
N ILE B 88 0.90 11.36 1.55
CA ILE B 88 1.55 12.45 0.86
C ILE B 88 1.19 13.72 1.62
N GLU B 89 2.20 14.49 2.04
CA GLU B 89 1.98 15.66 2.87
C GLU B 89 2.47 16.90 2.13
N ASN B 90 1.65 17.96 2.16
CA ASN B 90 2.06 19.24 1.60
C ASN B 90 1.75 20.34 2.58
N ARG B 91 2.77 21.12 2.95
CA ARG B 91 2.61 22.22 3.90
C ARG B 91 3.02 23.52 3.25
N GLU B 92 2.23 24.56 3.47
CA GLU B 92 2.59 25.90 3.02
C GLU B 92 2.60 26.85 4.20
N GLN B 93 3.73 27.52 4.40
CA GLN B 93 3.93 28.47 5.48
C GLN B 93 4.06 29.86 4.89
N LYS B 94 3.35 30.83 5.47
CA LYS B 94 3.44 32.22 5.04
C LYS B 94 3.47 33.17 6.24
N GLU B 95 4.31 34.19 6.15
CA GLU B 95 4.43 35.17 7.21
C GLU B 95 5.07 36.40 6.60
N PRO B 96 5.08 37.53 7.33
CA PRO B 96 5.72 38.72 6.75
C PRO B 96 7.16 38.46 6.32
N GLY B 97 7.45 38.72 5.05
CA GLY B 97 8.80 38.61 4.53
C GLY B 97 9.37 37.22 4.32
N TYR B 98 8.54 36.19 4.45
CA TYR B 98 9.03 34.83 4.30
C TYR B 98 7.92 33.86 3.88
N TYR B 99 8.29 32.84 3.11
CA TYR B 99 7.39 31.72 2.88
C TYR B 99 8.21 30.44 2.87
N GLU B 100 7.54 29.32 3.06
CA GLU B 100 8.21 28.05 3.09
C GLU B 100 7.20 26.99 2.65
N ASN B 101 7.58 26.18 1.66
CA ASN B 101 6.75 25.06 1.24
C ASN B 101 7.49 23.76 1.43
N GLU B 102 6.79 22.75 1.95
CA GLU B 102 7.41 21.47 2.21
C GLU B 102 6.52 20.33 1.70
N ASP B 103 7.09 19.46 0.87
CA ASP B 103 6.39 18.29 0.35
C ASP B 103 7.06 17.03 0.89
N GLY B 104 6.25 16.11 1.40
CA GLY B 104 6.78 14.92 2.04
C GLY B 104 6.05 13.65 1.68
N ILE B 105 6.73 12.54 1.85
CA ILE B 105 6.16 11.20 1.71
C ILE B 105 6.37 10.48 3.02
N LYS B 106 5.29 10.09 3.68
CA LYS B 106 5.35 9.54 5.04
C LYS B 106 4.77 8.15 5.05
N GLN B 107 5.53 7.19 5.57
CA GLN B 107 5.03 5.82 5.67
C GLN B 107 5.06 5.35 7.11
N LEU B 108 4.01 4.65 7.50
CA LEU B 108 3.91 4.12 8.85
C LEU B 108 3.77 2.60 8.80
N PHE B 109 4.55 1.92 9.64
CA PHE B 109 4.44 0.48 9.82
C PHE B 109 4.13 0.20 11.29
N SER B 110 3.12 -0.61 11.55
CA SER B 110 2.74 -0.86 12.93
C SER B 110 2.49 -2.35 13.11
N LEU B 111 3.05 -2.90 14.19
CA LEU B 111 2.84 -4.31 14.50
C LEU B 111 2.34 -4.40 15.93
N ASN B 112 1.30 -5.20 16.15
CA ASN B 112 0.75 -5.37 17.49
C ASN B 112 0.58 -6.85 17.78
N LYS B 113 1.40 -7.38 18.69
CA LYS B 113 1.23 -8.76 19.13
C LYS B 113 0.53 -8.76 20.45
N GLY B 114 -0.64 -9.37 20.51
CA GLY B 114 -1.41 -9.35 21.72
C GLY B 114 -1.36 -10.67 22.43
N HIS B 115 -1.82 -10.68 23.68
CA HIS B 115 -1.89 -11.92 24.43
C HIS B 115 -3.02 -11.87 25.43
N ASP B 116 -3.95 -12.82 25.31
CA ASP B 116 -5.11 -12.89 26.19
C ASP B 116 -4.69 -13.50 27.53
N LEU B 117 -4.90 -12.77 28.62
CA LEU B 117 -4.54 -13.28 29.95
C LEU B 117 -5.73 -13.91 30.65
N GLY B 118 -6.93 -13.73 30.10
CA GLY B 118 -8.13 -14.31 30.66
C GLY B 118 -8.83 -13.40 31.66
N ASN B 119 -10.09 -13.71 31.95
CA ASN B 119 -10.89 -13.00 32.94
C ASN B 119 -10.90 -11.49 32.69
N GLY B 120 -10.93 -11.12 31.42
CA GLY B 120 -11.02 -9.72 31.02
C GLY B 120 -9.70 -8.98 30.87
N TRP B 121 -8.60 -9.64 31.20
CA TRP B 121 -7.26 -9.03 31.10
C TRP B 121 -6.55 -9.39 29.81
N ALA B 122 -5.77 -8.46 29.26
CA ALA B 122 -4.93 -8.77 28.10
C ALA B 122 -3.72 -7.86 28.10
N THR B 123 -2.71 -8.26 27.35
CA THR B 123 -1.49 -7.47 27.29
C THR B 123 -0.93 -7.61 25.90
N GLY B 124 0.20 -6.97 25.62
CA GLY B 124 0.76 -7.07 24.30
C GLY B 124 1.85 -6.05 24.11
N LEU B 125 2.38 -6.00 22.90
CA LEU B 125 3.46 -5.10 22.54
C LEU B 125 3.20 -4.53 21.17
N ILE B 126 3.28 -3.21 21.08
CA ILE B 126 3.20 -2.50 19.81
C ILE B 126 4.57 -2.00 19.43
N TYR B 127 4.95 -2.21 18.18
CA TYR B 127 6.12 -1.58 17.62
C TYR B 127 5.69 -0.79 16.39
N GLU B 128 6.01 0.49 16.36
CA GLU B 128 5.66 1.34 15.22
C GLU B 128 6.87 2.07 14.71
N LEU B 129 6.99 2.15 13.40
CA LEU B 129 8.05 2.91 12.77
C LEU B 129 7.41 3.84 11.75
N GLU B 130 7.73 5.11 11.81
CA GLU B 130 7.19 6.06 10.85
C GLU B 130 8.35 6.79 10.23
N TYR B 131 8.42 6.84 8.92
CA TYR B 131 9.52 7.58 8.34
C TYR B 131 9.05 8.46 7.21
N THR B 132 9.65 9.65 7.15
CA THR B 132 9.23 10.69 6.23
C THR B 132 10.42 11.23 5.48
N ARG B 133 10.30 11.33 4.16
CA ARG B 133 11.29 12.07 3.39
C ARG B 133 10.61 13.30 2.80
N SER B 134 11.20 14.45 3.03
CA SER B 134 10.60 15.68 2.51
C SER B 134 11.61 16.61 1.89
N LYS B 135 11.08 17.62 1.20
CA LYS B 135 11.88 18.66 0.56
C LYS B 135 11.28 20.00 0.89
N VAL B 136 12.15 20.97 1.19
CA VAL B 136 11.70 22.29 1.60
C VAL B 136 12.12 23.33 0.57
N TYR B 137 11.21 24.26 0.26
CA TYR B 137 11.49 25.33 -0.69
C TYR B 137 11.16 26.66 -0.04
N SER B 138 12.04 27.64 -0.23
CA SER B 138 11.90 28.92 0.43
C SER B 138 12.66 29.96 -0.42
N PRO B 139 12.67 31.23 0.03
CA PRO B 139 13.53 32.18 -0.70
C PRO B 139 15.02 31.86 -0.55
N ASP B 140 15.37 31.09 0.47
CA ASP B 140 16.77 30.85 0.81
C ASP B 140 17.25 29.44 0.48
N VAL B 141 16.33 28.48 0.34
CA VAL B 141 16.73 27.13 -0.05
C VAL B 141 15.82 26.56 -1.14
N SER B 142 16.35 25.62 -1.90
CA SER B 142 15.60 25.00 -2.98
C SER B 142 15.76 23.49 -2.93
N GLY B 143 14.78 22.82 -2.33
CA GLY B 143 14.79 21.38 -2.27
C GLY B 143 15.69 20.86 -1.17
N LEU B 144 15.80 21.61 -0.08
CA LEU B 144 16.54 21.12 1.08
C LEU B 144 15.87 19.85 1.58
N ARG B 145 16.67 18.82 1.80
CA ARG B 145 16.12 17.52 2.15
C ARG B 145 16.05 17.29 3.65
N LYS B 146 14.89 16.82 4.12
CA LYS B 146 14.76 16.39 5.51
C LYS B 146 14.35 14.92 5.58
N ASN B 147 15.04 14.15 6.41
CA ASN B 147 14.72 12.74 6.66
C ASN B 147 14.35 12.54 8.12
N LEU B 148 13.17 11.98 8.36
CA LEU B 148 12.70 11.79 9.73
C LEU B 148 12.37 10.33 9.96
N ALA B 149 12.88 9.76 11.04
CA ALA B 149 12.47 8.42 11.46
C ALA B 149 12.01 8.46 12.92
N GLU B 150 10.84 7.90 13.18
CA GLU B 150 10.30 7.87 14.53
C GLU B 150 9.97 6.43 14.90
N HIS B 151 10.48 5.98 16.04
CA HIS B 151 10.24 4.63 16.54
C HIS B 151 9.44 4.71 17.82
N SER B 152 8.38 3.91 17.91
CA SER B 152 7.58 3.87 19.12
C SER B 152 7.46 2.42 19.58
N ILE B 153 7.86 2.14 20.82
CA ILE B 153 7.67 0.79 21.38
C ILE B 153 6.75 0.89 22.58
N ARG B 154 5.61 0.19 22.53
CA ARG B 154 4.57 0.37 23.55
C ARG B 154 4.02 -0.93 24.11
N PRO B 155 4.51 -1.34 25.28
CA PRO B 155 3.84 -2.44 25.97
C PRO B 155 2.52 -1.93 26.53
N TYR B 156 1.48 -2.75 26.51
CA TYR B 156 0.18 -2.27 26.97
C TYR B 156 -0.53 -3.30 27.82
N LEU B 157 -1.54 -2.84 28.56
CA LEU B 157 -2.28 -3.71 29.46
C LEU B 157 -3.72 -3.24 29.44
N THR B 158 -4.64 -4.16 29.17
CA THR B 158 -6.04 -3.79 29.10
C THR B 158 -6.87 -4.63 30.05
N TYR B 159 -7.98 -4.07 30.51
CA TYR B 159 -8.92 -4.81 31.35
C TYR B 159 -10.32 -4.40 30.97
N TRP B 160 -11.20 -5.39 30.88
CA TRP B 160 -12.61 -5.10 30.68
C TRP B 160 -13.43 -6.00 31.57
N ASN B 161 -14.33 -5.40 32.34
CA ASN B 161 -15.23 -6.16 33.18
C ASN B 161 -16.63 -6.10 32.61
N ASN B 162 -17.16 -7.24 32.20
CA ASN B 162 -18.44 -7.26 31.51
C ASN B 162 -19.65 -7.09 32.44
N ASP B 163 -19.46 -7.33 33.73
CA ASP B 163 -20.55 -7.15 34.69
C ASP B 163 -20.78 -5.66 34.97
N TYR B 164 -19.70 -4.96 35.32
CA TYR B 164 -19.77 -3.53 35.63
C TYR B 164 -19.73 -2.65 34.39
N ASN B 165 -19.41 -3.28 33.25
CA ASN B 165 -19.24 -2.56 31.98
C ASN B 165 -18.25 -1.41 32.13
N MET B 166 -17.12 -1.72 32.75
CA MET B 166 -16.06 -0.73 32.96
C MET B 166 -14.73 -1.41 32.66
N GLY B 167 -13.75 -0.62 32.28
CA GLY B 167 -12.42 -1.19 32.12
C GLY B 167 -11.41 -0.08 31.92
N PHE B 168 -10.22 -0.45 31.44
CA PHE B 168 -9.25 0.58 31.10
C PHE B 168 -8.33 0.11 29.99
N TYR B 169 -7.77 1.09 29.29
CA TYR B 169 -6.60 0.89 28.44
C TYR B 169 -5.42 1.54 29.14
N SER B 170 -4.25 0.91 29.07
CA SER B 170 -3.06 1.53 29.62
C SER B 170 -1.85 1.12 28.80
N ASN B 171 -0.85 1.98 28.71
CA ASN B 171 0.38 1.59 28.04
C ASN B 171 1.54 2.43 28.52
N LEU B 172 2.74 1.91 28.29
CA LEU B 172 3.97 2.68 28.42
C LEU B 172 4.51 2.90 27.02
N GLU B 173 5.48 3.79 26.87
CA GLU B 173 6.03 4.03 25.54
C GLU B 173 7.46 4.46 25.63
N TYR B 174 8.31 3.88 24.77
CA TYR B 174 9.60 4.47 24.46
C TYR B 174 9.49 5.08 23.09
N LEU B 175 9.93 6.33 22.94
CA LEU B 175 9.80 7.03 21.68
C LEU B 175 11.12 7.66 21.29
N LEU B 176 11.57 7.33 20.08
CA LEU B 176 12.82 7.88 19.55
C LEU B 176 12.55 8.56 18.23
N SER B 177 12.95 9.82 18.13
CA SER B 177 12.75 10.61 16.92
CA SER B 177 12.76 10.60 16.92
C SER B 177 14.10 11.13 16.44
N LYS B 178 14.46 10.80 15.20
CA LYS B 178 15.72 11.26 14.63
C LYS B 178 15.46 11.94 13.29
N GLU B 179 15.88 13.20 13.19
CA GLU B 179 15.69 13.98 11.98
C GLU B 179 17.01 14.50 11.45
N ASP B 180 17.25 14.31 10.15
CA ASP B 180 18.42 14.88 9.49
C ASP B 180 17.95 15.92 8.51
N ARG B 181 18.32 17.17 8.73
CA ARG B 181 17.91 18.26 7.85
C ARG B 181 19.08 18.81 7.08
N ASN B 182 20.09 17.97 6.89
CA ASN B 182 21.25 18.30 6.09
C ASN B 182 21.85 19.64 6.51
N ALA B 183 21.79 20.66 5.65
CA ALA B 183 22.44 21.93 5.98
C ALA B 183 21.91 22.59 7.26
N TRP B 184 20.69 22.21 7.66
CA TRP B 184 20.09 22.79 8.86
C TRP B 184 20.36 21.96 10.12
N GLY B 185 21.14 20.89 9.98
CA GLY B 185 21.57 20.14 11.14
C GLY B 185 20.74 18.91 11.44
N LYS B 186 21.00 18.31 12.60
CA LYS B 186 20.32 17.10 13.03
C LYS B 186 19.64 17.33 14.36
N ARG B 187 18.52 16.64 14.57
CA ARG B 187 17.77 16.75 15.81
C ARG B 187 17.36 15.37 16.28
N GLN B 188 17.57 15.11 17.57
CA GLN B 188 17.13 13.85 18.15
C GLN B 188 16.29 14.09 19.39
N GLU B 189 15.15 13.40 19.47
CA GLU B 189 14.32 13.44 20.66
C GLU B 189 14.14 12.04 21.18
N GLN B 190 14.27 11.86 22.48
CA GLN B 190 14.17 10.53 23.06
C GLN B 190 13.41 10.63 24.35
N GLY B 191 12.42 9.78 24.55
CA GLY B 191 11.77 9.81 25.84
C GLY B 191 10.77 8.71 26.07
N TYR B 192 9.94 8.93 27.08
CA TYR B 192 9.00 7.92 27.55
C TYR B 192 7.66 8.55 27.83
N SER B 193 6.61 7.77 27.74
CA SER B 193 5.32 8.27 28.17
C SER B 193 4.52 7.15 28.82
N ALA B 194 3.46 7.54 29.51
CA ALA B 194 2.57 6.59 30.15
C ALA B 194 1.16 7.09 29.93
N LEU B 195 0.25 6.18 29.67
CA LEU B 195 -1.13 6.54 29.39
C LEU B 195 -2.06 5.61 30.15
N PHE B 196 -3.08 6.18 30.78
CA PHE B 196 -4.09 5.41 31.49
C PHE B 196 -5.47 5.97 31.13
N LYS B 197 -6.32 5.10 30.59
CA LYS B 197 -7.65 5.51 30.16
C LYS B 197 -8.74 4.61 30.71
N PRO B 198 -9.24 4.92 31.90
CA PRO B 198 -10.42 4.22 32.40
C PRO B 198 -11.65 4.65 31.61
N TYR B 199 -12.59 3.73 31.43
CA TYR B 199 -13.83 4.09 30.75
C TYR B 199 -14.97 3.16 31.18
N LYS B 200 -16.18 3.59 30.89
CA LYS B 200 -17.34 2.78 31.23
C LYS B 200 -18.44 2.96 30.19
N ARG B 201 -19.26 1.92 30.03
CA ARG B 201 -20.34 1.92 29.06
C ARG B 201 -21.66 1.70 29.78
N PHE B 202 -22.69 2.39 29.31
CA PHE B 202 -24.03 2.21 29.89
C PHE B 202 -25.05 2.65 28.87
N GLY B 203 -25.91 1.71 28.49
CA GLY B 203 -26.83 1.94 27.40
C GLY B 203 -26.02 2.29 26.17
N ASN B 204 -26.42 3.36 25.51
CA ASN B 204 -25.75 3.76 24.27
C ASN B 204 -24.54 4.67 24.52
N TRP B 205 -24.25 4.96 25.79
CA TRP B 205 -23.18 5.87 26.15
C TRP B 205 -21.86 5.17 26.46
N GLU B 206 -20.77 5.84 26.14
CA GLU B 206 -19.47 5.47 26.70
C GLU B 206 -18.79 6.75 27.18
N VAL B 207 -18.22 6.69 28.38
CA VAL B 207 -17.50 7.84 28.93
CA VAL B 207 -17.47 7.84 28.86
C VAL B 207 -16.12 7.38 29.38
N GLY B 208 -15.08 8.14 29.09
CA GLY B 208 -13.75 7.75 29.51
C GLY B 208 -12.93 8.98 29.82
N VAL B 209 -11.79 8.79 30.45
CA VAL B 209 -10.88 9.91 30.65
C VAL B 209 -9.48 9.43 30.43
N GLU B 210 -8.78 10.07 29.50
CA GLU B 210 -7.41 9.72 29.20
C GLU B 210 -6.45 10.56 30.04
N PHE B 211 -5.53 9.90 30.75
CA PHE B 211 -4.48 10.56 31.52
C PHE B 211 -3.14 10.26 30.87
N TYR B 212 -2.33 11.29 30.63
CA TYR B 212 -1.10 11.12 29.86
C TYR B 212 0.06 11.89 30.49
N TYR B 213 1.23 11.27 30.54
CA TYR B 213 2.45 11.91 31.02
C TYR B 213 3.61 11.54 30.11
N GLN B 214 4.43 12.52 29.72
CA GLN B 214 5.55 12.26 28.84
C GLN B 214 6.78 13.01 29.33
N ILE B 215 7.94 12.38 29.22
CA ILE B 215 9.21 13.05 29.48
C ILE B 215 10.13 12.80 28.28
N LYS B 216 10.94 13.78 27.91
CA LYS B 216 11.69 13.70 26.69
C LYS B 216 12.96 14.52 26.82
N THR B 217 14.02 14.12 26.13
CA THR B 217 15.18 15.00 25.95
C THR B 217 15.27 15.44 24.50
N ASN B 218 15.64 16.70 24.28
CA ASN B 218 15.84 17.24 22.94
C ASN B 218 17.29 17.57 22.70
N ASP B 219 17.83 17.11 21.57
CA ASP B 219 19.19 17.48 21.21
C ASP B 219 19.25 17.85 19.74
N GLU B 220 19.69 19.07 19.47
CA GLU B 220 19.81 19.54 18.10
C GLU B 220 21.16 20.18 17.87
N LYS B 221 21.82 19.79 16.79
CA LYS B 221 23.15 20.31 16.47
C LYS B 221 23.25 20.75 15.02
N GLN B 222 24.09 21.75 14.78
CA GLN B 222 24.45 22.17 13.43
C GLN B 222 25.39 21.13 12.82
N PRO B 223 25.59 21.18 11.49
CA PRO B 223 26.49 20.22 10.86
C PRO B 223 27.91 20.23 11.43
N ASP B 224 28.39 21.38 11.90
CA ASP B 224 29.75 21.44 12.45
C ASP B 224 29.81 21.05 13.93
N GLY B 225 28.66 20.73 14.51
CA GLY B 225 28.61 20.27 15.88
C GLY B 225 28.07 21.28 16.88
N THR B 226 28.00 22.54 16.46
CA THR B 226 27.43 23.62 17.27
C THR B 226 26.05 23.23 17.81
N ILE B 227 25.86 23.36 19.12
CA ILE B 227 24.59 22.99 19.74
C ILE B 227 23.54 24.07 19.57
N ASN B 228 22.42 23.71 18.93
CA ASN B 228 21.27 24.60 18.84
C ASN B 228 20.40 24.46 20.08
N GLU B 229 20.14 23.22 20.47
CA GLU B 229 19.29 22.97 21.63
C GLU B 229 19.76 21.74 22.41
N LYS B 230 19.82 21.88 23.73
CA LYS B 230 19.91 20.74 24.61
C LYS B 230 18.92 21.01 25.74
N SER B 231 17.82 20.27 25.77
CA SER B 231 16.77 20.58 26.72
C SER B 231 16.05 19.35 27.22
N ASP B 232 15.32 19.55 28.31
CA ASP B 232 14.48 18.49 28.88
C ASP B 232 13.03 18.93 28.85
N PHE B 233 12.15 17.99 28.51
CA PHE B 233 10.76 18.28 28.24
C PHE B 233 9.86 17.37 29.07
N ASN B 234 8.74 17.91 29.54
CA ASN B 234 7.69 17.04 30.07
C ASN B 234 6.32 17.61 29.75
N GLU B 235 5.36 16.71 29.59
CA GLU B 235 4.00 17.10 29.24
C GLU B 235 3.04 16.23 30.02
N ARG B 236 1.91 16.81 30.41
CA ARG B 236 0.84 16.02 31.00
C ARG B 236 -0.49 16.54 30.45
N TYR B 237 -1.46 15.66 30.26
CA TYR B 237 -2.79 16.15 29.94
C TYR B 237 -3.86 15.23 30.51
N ILE B 238 -5.06 15.78 30.61
CA ILE B 238 -6.26 15.02 30.93
C ILE B 238 -7.27 15.25 29.81
N GLU B 239 -7.91 14.17 29.36
CA GLU B 239 -8.81 14.26 28.22
C GLU B 239 -10.05 13.37 28.37
N PRO B 240 -11.12 13.96 28.92
CA PRO B 240 -12.42 13.28 28.95
C PRO B 240 -12.94 13.02 27.55
N ILE B 241 -13.63 11.90 27.39
CA ILE B 241 -14.24 11.59 26.11
C ILE B 241 -15.65 11.07 26.37
N VAL B 242 -16.60 11.53 25.57
CA VAL B 242 -17.97 11.07 25.67
C VAL B 242 -18.43 10.61 24.29
N GLN B 243 -19.02 9.42 24.23
CA GLN B 243 -19.50 8.87 22.96
C GLN B 243 -20.93 8.41 23.10
N TYR B 244 -21.71 8.58 22.05
CA TYR B 244 -23.07 8.07 22.01
C TYR B 244 -23.25 7.27 20.73
N SER B 245 -23.70 6.04 20.87
CA SER B 245 -23.95 5.20 19.69
C SER B 245 -25.44 5.11 19.41
N PHE B 246 -25.84 5.59 18.23
CA PHE B 246 -27.25 5.62 17.86
C PHE B 246 -27.74 4.26 17.44
N ASP B 247 -28.95 3.92 17.90
CA ASP B 247 -29.64 2.77 17.35
C ASP B 247 -29.76 2.94 15.83
N ASP B 248 -29.25 1.94 15.10
CA ASP B 248 -29.36 1.91 13.65
C ASP B 248 -28.65 3.10 12.98
N ALA B 249 -27.61 3.63 13.61
CA ALA B 249 -26.76 4.61 12.98
C ALA B 249 -25.35 4.52 13.56
N GLY B 250 -24.60 5.63 13.53
CA GLY B 250 -23.22 5.62 13.93
C GLY B 250 -22.98 6.04 15.36
N THR B 251 -21.74 6.44 15.62
CA THR B 251 -21.31 6.89 16.92
C THR B 251 -20.84 8.33 16.81
N LEU B 252 -21.46 9.19 17.61
CA LEU B 252 -21.04 10.59 17.75
C LEU B 252 -20.15 10.70 18.98
N TYR B 253 -19.06 11.44 18.88
CA TYR B 253 -18.16 11.50 20.02
C TYR B 253 -17.53 12.88 20.16
N THR B 254 -17.09 13.17 21.37
CA THR B 254 -16.41 14.43 21.60
C THR B 254 -15.31 14.20 22.62
N ARG B 255 -14.20 14.90 22.48
CA ARG B 255 -13.11 14.82 23.44
C ARG B 255 -12.68 16.23 23.75
N VAL B 256 -12.34 16.49 25.00
CA VAL B 256 -11.78 17.78 25.37
C VAL B 256 -10.47 17.55 26.13
N ARG B 257 -9.40 18.21 25.70
CA ARG B 257 -8.11 18.06 26.36
C ARG B 257 -7.66 19.32 27.08
N VAL B 258 -7.21 19.15 28.31
CA VAL B 258 -6.52 20.23 29.02
C VAL B 258 -5.12 19.73 29.37
N GLY B 259 -4.09 20.45 28.96
CA GLY B 259 -2.73 19.98 29.14
C GLY B 259 -1.76 21.10 29.46
N LYS B 260 -0.57 20.70 29.91
CA LYS B 260 0.53 21.64 30.14
C LYS B 260 1.81 20.97 29.67
N ASN B 261 2.75 21.72 29.12
CA ASN B 261 4.07 21.15 29.01
C ASN B 261 5.15 22.19 29.29
N GLU B 262 6.37 21.71 29.49
CA GLU B 262 7.50 22.55 29.85
C GLU B 262 8.73 22.09 29.10
N THR B 263 9.52 23.05 28.62
CA THR B 263 10.81 22.74 28.02
C THR B 263 11.88 23.54 28.77
N LYS B 264 12.84 22.84 29.36
CA LYS B 264 13.89 23.48 30.13
C LYS B 264 15.25 23.31 29.46
N ASN B 265 15.79 24.40 28.94
CA ASN B 265 17.09 24.40 28.29
C ASN B 265 18.25 24.37 29.27
N THR B 266 19.24 23.55 28.98
CA THR B 266 20.49 23.59 29.73
C THR B 266 21.29 24.83 29.33
N ASP B 267 22.45 25.01 29.96
CA ASP B 267 23.33 26.13 29.65
C ASP B 267 23.99 26.00 28.28
N ARG B 268 23.84 24.84 27.66
CA ARG B 268 24.51 24.55 26.39
C ARG B 268 23.70 24.92 25.14
N SER B 269 22.41 25.23 25.33
CA SER B 269 21.57 25.62 24.20
C SER B 269 22.07 26.90 23.55
N GLY B 270 21.82 27.03 22.25
CA GLY B 270 22.24 28.20 21.51
C GLY B 270 21.08 29.11 21.18
N GLY B 271 21.33 30.11 20.34
CA GLY B 271 20.31 31.02 19.88
C GLY B 271 19.63 31.84 20.97
N GLY B 272 20.32 32.04 22.08
CA GLY B 272 19.79 32.83 23.17
C GLY B 272 18.96 32.04 24.16
N ASN B 273 18.88 30.72 23.96
CA ASN B 273 18.05 29.88 24.81
C ASN B 273 18.77 29.19 25.96
N ALA B 274 20.05 29.48 26.16
CA ALA B 274 20.77 28.87 27.28
C ALA B 274 20.08 29.18 28.61
N GLY B 275 19.71 28.13 29.35
CA GLY B 275 19.05 28.29 30.63
C GLY B 275 17.63 28.81 30.59
N ILE B 276 17.03 28.88 29.41
CA ILE B 276 15.68 29.42 29.27
C ILE B 276 14.63 28.32 29.36
N ASN B 277 13.57 28.57 30.13
CA ASN B 277 12.45 27.64 30.23
C ASN B 277 11.23 28.13 29.48
N TYR B 278 10.56 27.21 28.79
CA TYR B 278 9.31 27.50 28.09
C TYR B 278 8.15 26.78 28.79
N PHE B 279 7.02 27.46 28.96
CA PHE B 279 5.87 26.88 29.63
C PHE B 279 4.65 27.02 28.76
N LYS B 280 3.98 25.91 28.48
CA LYS B 280 2.87 25.94 27.52
C LYS B 280 1.57 25.40 28.12
N ASP B 281 0.48 26.13 27.92
CA ASP B 281 -0.86 25.67 28.28
C ASP B 281 -1.59 25.22 27.02
N ILE B 282 -2.24 24.06 27.10
CA ILE B 282 -2.88 23.43 25.94
C ILE B 282 -4.38 23.19 26.17
N ARG B 283 -5.22 23.61 25.22
CA ARG B 283 -6.64 23.29 25.24
C ARG B 283 -7.07 22.77 23.88
N LYS B 284 -7.75 21.63 23.84
CA LYS B 284 -8.28 21.14 22.57
C LYS B 284 -9.71 20.65 22.74
N ALA B 285 -10.48 20.72 21.65
CA ALA B 285 -11.80 20.10 21.63
C ALA B 285 -12.05 19.47 20.29
N THR B 286 -12.59 18.25 20.32
CA THR B 286 -12.82 17.47 19.10
C THR B 286 -14.26 16.98 19.06
N VAL B 287 -14.86 16.98 17.88
CA VAL B 287 -16.14 16.32 17.68
CA VAL B 287 -16.15 16.34 17.67
C VAL B 287 -16.03 15.47 16.41
N GLY B 288 -16.59 14.29 16.46
CA GLY B 288 -16.50 13.41 15.30
C GLY B 288 -17.68 12.48 15.20
N TYR B 289 -17.78 11.82 14.05
CA TYR B 289 -18.88 10.89 13.82
C TYR B 289 -18.35 9.78 12.94
N GLU B 290 -18.68 8.53 13.29
CA GLU B 290 -18.25 7.39 12.51
C GLU B 290 -19.43 6.49 12.29
N GLN B 291 -19.55 5.93 11.09
CA GLN B 291 -20.71 5.10 10.81
C GLN B 291 -20.43 4.06 9.75
N SER B 292 -20.97 2.87 9.97
CA SER B 292 -20.93 1.83 8.97
CA SER B 292 -20.94 1.83 8.97
C SER B 292 -21.90 2.19 7.85
N ILE B 293 -21.53 1.83 6.62
CA ILE B 293 -22.39 2.10 5.48
C ILE B 293 -22.51 0.82 4.67
N GLY B 294 -23.72 0.26 4.64
CA GLY B 294 -23.90 -1.06 4.06
C GLY B 294 -23.11 -2.07 4.86
N GLU B 295 -22.72 -3.18 4.24
CA GLU B 295 -22.08 -4.27 4.95
C GLU B 295 -20.55 -4.16 5.03
N SER B 296 -19.94 -3.40 4.13
CA SER B 296 -18.47 -3.41 4.02
C SER B 296 -17.76 -2.09 4.31
N TRP B 297 -18.46 -0.97 4.20
CA TRP B 297 -17.78 0.32 4.38
C TRP B 297 -17.98 0.96 5.75
N VAL B 298 -16.99 1.75 6.19
CA VAL B 298 -17.13 2.54 7.40
C VAL B 298 -16.51 3.90 7.12
N ALA B 299 -17.24 4.96 7.43
CA ALA B 299 -16.76 6.31 7.18
C ALA B 299 -16.69 7.12 8.47
N LYS B 300 -15.80 8.09 8.50
CA LYS B 300 -15.58 8.89 9.70
C LYS B 300 -15.21 10.31 9.32
N ALA B 301 -15.72 11.27 10.09
CA ALA B 301 -15.30 12.67 9.94
C ALA B 301 -15.07 13.27 11.31
N GLU B 302 -14.09 14.16 11.42
CA GLU B 302 -13.70 14.67 12.72
C GLU B 302 -13.22 16.10 12.58
N TYR B 303 -13.57 16.94 13.55
CA TYR B 303 -13.07 18.32 13.59
C TYR B 303 -12.39 18.55 14.93
N GLU B 304 -11.21 19.15 14.93
CA GLU B 304 -10.52 19.52 16.16
C GLU B 304 -10.16 20.99 16.17
N TYR B 305 -10.46 21.65 17.28
CA TYR B 305 -9.98 22.99 17.58
C TYR B 305 -8.88 22.88 18.63
N ALA B 306 -7.76 23.58 18.42
CA ALA B 306 -6.70 23.59 19.44
C ALA B 306 -6.17 25.00 19.66
N ASN B 307 -5.86 25.30 20.91
CA ASN B 307 -5.28 26.59 21.27
C ASN B 307 -4.17 26.35 22.28
N GLU B 308 -2.97 26.83 21.99
CA GLU B 308 -1.82 26.60 22.86
C GLU B 308 -1.12 27.92 23.10
N VAL B 309 -0.86 28.25 24.35
CA VAL B 309 -0.22 29.52 24.70
C VAL B 309 1.04 29.25 25.49
N GLU B 310 2.15 29.82 25.03
CA GLU B 310 3.47 29.57 25.57
C GLU B 310 4.12 30.87 26.04
N LYS B 311 4.88 30.80 27.14
CA LYS B 311 5.66 31.93 27.62
C LYS B 311 7.05 31.43 27.98
N LYS B 312 8.05 32.31 28.01
CA LYS B 312 9.36 31.86 28.43
C LYS B 312 9.76 32.50 29.76
N SER B 313 10.78 31.95 30.39
CA SER B 313 11.19 32.40 31.72
C SER B 313 11.76 33.81 31.69
N ARG B 314 12.38 34.15 30.58
CA ARG B 314 12.88 35.51 30.40
C ARG B 314 13.21 35.72 28.92
N LEU B 315 13.05 36.96 28.47
CA LEU B 315 13.24 37.27 27.06
C LEU B 315 14.69 37.57 26.72
N SER B 316 15.03 37.34 25.45
CA SER B 316 16.39 37.53 24.95
C SER B 316 16.67 38.99 24.59
N GLY B 317 15.70 39.66 23.97
CA GLY B 317 15.89 41.04 23.54
C GLY B 317 15.34 41.35 22.16
N TRP B 318 15.05 40.32 21.38
CA TRP B 318 14.49 40.52 20.05
C TRP B 318 12.97 40.42 20.06
N GLU B 319 12.44 39.78 21.09
CA GLU B 319 11.00 39.52 21.19
C GLU B 319 10.19 40.80 21.36
N ALA B 320 9.02 40.85 20.75
CA ALA B 320 8.12 41.97 20.95
C ALA B 320 7.32 41.78 22.24
N ARG B 321 7.15 40.52 22.64
CA ARG B 321 6.30 40.18 23.78
C ARG B 321 6.69 38.80 24.32
N ASN B 322 6.27 38.51 25.55
CA ASN B 322 6.49 37.18 26.13
C ASN B 322 5.22 36.36 26.05
N LYS B 323 4.84 36.05 24.82
CA LYS B 323 3.66 35.26 24.54
C LYS B 323 3.77 34.71 23.13
N SER B 324 3.47 33.42 22.98
CA SER B 324 3.39 32.83 21.66
C SER B 324 2.14 31.95 21.63
N GLU B 325 1.27 32.19 20.66
CA GLU B 325 -0.04 31.56 20.69
C GLU B 325 -0.38 30.86 19.37
N LEU B 326 -0.69 29.58 19.49
CA LEU B 326 -1.13 28.76 18.34
C LEU B 326 -2.64 28.59 18.37
N THR B 327 -3.30 28.83 17.26
CA THR B 327 -4.70 28.46 17.10
C THR B 327 -4.79 27.56 15.87
N GLN B 328 -5.37 26.38 16.03
CA GLN B 328 -5.37 25.40 14.95
C GLN B 328 -6.77 24.82 14.76
N HIS B 329 -7.17 24.70 13.50
CA HIS B 329 -8.40 24.02 13.13
C HIS B 329 -8.05 22.85 12.24
N THR B 330 -8.53 21.65 12.57
CA THR B 330 -8.21 20.48 11.76
C THR B 330 -9.47 19.74 11.36
N PHE B 331 -9.55 19.36 10.09
CA PHE B 331 -10.64 18.52 9.63
C PHE B 331 -10.08 17.20 9.10
N TYR B 332 -10.74 16.11 9.43
CA TYR B 332 -10.27 14.79 9.00
C TYR B 332 -11.43 13.97 8.48
N ALA B 333 -11.23 13.30 7.35
CA ALA B 333 -12.27 12.42 6.82
C ALA B 333 -11.64 11.14 6.30
N GLN B 334 -12.31 10.02 6.55
CA GLN B 334 -11.78 8.73 6.13
C GLN B 334 -12.90 7.79 5.66
N ALA B 335 -12.56 6.90 4.75
CA ALA B 335 -13.48 5.86 4.30
C ALA B 335 -12.71 4.55 4.22
N LEU B 336 -13.24 3.52 4.88
CA LEU B 336 -12.56 2.22 4.96
C LEU B 336 -13.45 1.13 4.38
N TYR B 337 -12.83 0.22 3.65
CA TYR B 337 -13.53 -0.94 3.08
C TYR B 337 -13.06 -2.20 3.78
N ARG B 338 -13.98 -2.88 4.44
CA ARG B 338 -13.62 -4.07 5.23
C ARG B 338 -13.57 -5.33 4.40
N PHE B 339 -12.64 -6.21 4.77
CA PHE B 339 -12.58 -7.56 4.23
C PHE B 339 -12.33 -8.56 5.38
C1 GLC C . -18.10 -25.74 -11.90
C2 GLC C . -16.80 -25.01 -11.54
C3 GLC C . -15.62 -25.98 -11.61
C4 GLC C . -15.83 -27.22 -10.74
C5 GLC C . -17.24 -27.82 -10.88
C6 GLC C . -17.62 -28.78 -9.76
O2 GLC C . -16.60 -23.95 -12.46
O3 GLC C . -14.43 -25.31 -11.25
O4 GLC C . -14.84 -28.14 -11.20
O5 GLC C . -18.30 -26.87 -11.05
O6 GLC C . -18.74 -29.47 -10.27
C1 GLC C . -14.06 -28.71 -10.14
C2 GLC C . -12.62 -28.72 -10.62
C3 GLC C . -12.54 -29.51 -11.93
C4 GLC C . -13.10 -30.94 -11.74
C5 GLC C . -14.49 -30.88 -11.07
C6 GLC C . -15.09 -32.23 -10.66
O2 GLC C . -12.20 -27.40 -10.88
O3 GLC C . -11.18 -29.53 -12.38
O4 GLC C . -13.22 -31.49 -13.05
O5 GLC C . -14.53 -30.02 -9.92
O6 GLC C . -14.07 -33.04 -10.15
C1 GLC C . -12.75 -32.84 -13.21
C2 GLC C . -11.67 -32.83 -14.30
C3 GLC C . -12.29 -32.33 -15.62
C4 GLC C . -13.52 -33.16 -16.02
C5 GLC C . -14.52 -33.28 -14.86
C6 GLC C . -15.70 -34.23 -15.09
O2 GLC C . -10.68 -31.90 -13.90
O3 GLC C . -11.34 -32.25 -16.67
O4 GLC C . -14.15 -32.44 -17.08
O5 GLC C . -13.88 -33.61 -13.63
O6 GLC C . -15.21 -35.49 -15.47
C1 GLC C . -14.28 -33.21 -18.29
C2 GLC C . -13.90 -32.31 -19.47
C3 GLC C . -14.83 -31.10 -19.46
C4 GLC C . -16.30 -31.54 -19.54
C5 GLC C . -16.58 -32.56 -18.44
C6 GLC C . -17.96 -33.19 -18.56
O2 GLC C . -12.55 -31.91 -19.26
O3 GLC C . -14.48 -30.24 -20.55
O4 GLC C . -17.04 -30.34 -19.29
O5 GLC C . -15.63 -33.64 -18.47
O6 GLC C . -18.07 -33.83 -19.82
C1 GLC C . -18.15 -30.07 -20.16
C2 GLC C . -18.02 -28.61 -20.63
C3 GLC C . -18.03 -27.67 -19.42
C4 GLC C . -19.24 -27.90 -18.52
C5 GLC C . -19.46 -29.41 -18.23
C6 GLC C . -20.82 -29.68 -17.61
O2 GLC C . -16.77 -28.45 -21.29
O3 GLC C . -18.02 -26.32 -19.89
O4 GLC C . -18.99 -27.25 -17.26
O5 GLC C . -19.33 -30.23 -19.41
O6 GLC C . -21.81 -29.34 -18.56
C1 GLC C . -20.03 -26.38 -16.81
C2 GLC C . -19.40 -25.01 -16.50
C3 GLC C . -18.40 -25.19 -15.35
C4 GLC C . -19.05 -25.89 -14.14
C5 GLC C . -19.75 -27.21 -14.58
C6 GLC C . -20.52 -27.89 -13.45
O2 GLC C . -18.74 -24.42 -17.62
O3 GLC C . -17.88 -23.93 -14.91
O4 GLC C . -18.01 -26.26 -13.24
O5 GLC C . -20.64 -26.95 -15.66
O6 GLC C . -21.56 -27.04 -13.01
C1 GLC D . 9.52 1.06 -16.36
C2 GLC D . 9.83 0.72 -17.82
C3 GLC D . 11.29 0.42 -18.09
C4 GLC D . 11.80 -0.63 -17.10
C5 GLC D . 11.49 -0.30 -15.63
C6 GLC D . 12.54 0.57 -14.93
O2 GLC D . 9.38 1.82 -18.63
O3 GLC D . 11.39 -0.06 -19.42
O4 GLC D . 11.24 -1.89 -17.48
O5 GLC D . 10.14 0.13 -15.43
O6 GLC D . 12.05 1.00 -13.68
C1 GLC D . 12.24 -2.92 -17.46
C2 GLC D . 12.03 -3.93 -18.57
C3 GLC D . 10.89 -4.91 -18.28
C4 GLC D . 10.85 -5.45 -16.84
C5 GLC D . 11.45 -4.51 -15.77
C6 GLC D . 12.07 -5.24 -14.57
O2 GLC D . 11.78 -3.27 -19.80
O3 GLC D . 10.96 -6.01 -19.19
O4 GLC D . 9.46 -5.63 -16.61
O5 GLC D . 12.38 -3.50 -16.17
O6 GLC D . 11.40 -4.76 -13.41
C1 GLC D . 9.03 -6.85 -16.00
C2 GLC D . 8.24 -7.67 -17.05
C3 GLC D . 6.72 -7.47 -16.98
C4 GLC D . 6.16 -7.55 -15.55
C5 GLC D . 7.13 -7.14 -14.44
C6 GLC D . 7.38 -8.15 -13.31
O2 GLC D . 8.52 -9.05 -16.85
O3 GLC D . 6.07 -8.41 -17.82
O4 GLC D . 5.08 -6.61 -15.48
O5 GLC D . 8.27 -6.41 -14.87
O6 GLC D . 6.14 -8.75 -12.99
C1 GLC D . 3.87 -7.25 -15.08
C2 GLC D . 2.79 -6.92 -16.10
C3 GLC D . 2.64 -5.40 -16.16
C4 GLC D . 2.47 -4.78 -14.77
C5 GLC D . 3.45 -5.35 -13.74
C6 GLC D . 3.10 -4.92 -12.32
O2 GLC D . 3.20 -7.41 -17.37
O3 GLC D . 1.48 -5.08 -16.94
O4 GLC D . 2.68 -3.38 -14.94
O5 GLC D . 3.45 -6.79 -13.79
O6 GLC D . 2.04 -5.73 -11.85
C1 GLC D . 1.70 -2.55 -14.33
C2 GLC D . 1.24 -1.53 -15.37
C3 GLC D . 2.36 -0.57 -15.75
C4 GLC D . 3.12 0.01 -14.54
C5 GLC D . 3.33 -1.01 -13.39
C6 GLC D . 3.66 -0.29 -12.08
O2 GLC D . 0.80 -2.21 -16.54
O3 GLC D . 1.74 0.49 -16.49
O4 GLC D . 4.41 0.46 -14.94
O5 GLC D . 2.23 -1.92 -13.16
O6 GLC D . 2.46 0.23 -11.55
C1 GLC D . 4.62 1.87 -14.80
C2 GLC D . 4.82 2.52 -16.20
C3 GLC D . 6.23 2.34 -16.76
C4 GLC D . 7.34 1.94 -15.74
C5 GLC D . 6.89 1.44 -14.34
C6 GLC D . 8.01 1.63 -13.32
O2 GLC D . 3.86 2.05 -17.14
O3 GLC D . 6.62 3.55 -17.40
O4 GLC D . 8.11 0.85 -16.23
O5 GLC D . 5.72 2.10 -13.91
O6 GLC D . 8.41 2.99 -13.33
C1 GLC E . 11.28 32.94 10.60
C2 GLC E . 10.38 31.77 10.17
C3 GLC E . 11.20 30.50 10.12
C4 GLC E . 12.46 30.66 9.26
C5 GLC E . 13.26 31.92 9.62
C6 GLC E . 14.42 32.15 8.65
O2 GLC E . 9.32 31.62 11.13
O3 GLC E . 10.41 29.44 9.59
O4 GLC E . 13.25 29.49 9.51
O5 GLC E . 12.42 33.06 9.75
O6 GLC E . 13.87 32.62 7.44
C1 GLC E . 13.62 28.75 8.36
C2 GLC E . 13.27 27.29 8.60
C3 GLC E . 14.07 26.73 9.79
C4 GLC E . 15.58 26.91 9.58
C5 GLC E . 15.94 28.28 8.97
C6 GLC E . 17.30 28.28 8.27
O2 GLC E . 11.90 27.18 8.90
O3 GLC E . 13.78 25.33 9.94
O4 GLC E . 16.15 26.77 10.87
O5 GLC E . 15.00 28.90 8.10
O6 GLC E . 17.88 29.50 8.67
C1 GLC E . 17.27 25.88 10.98
C2 GLC E . 17.04 24.94 12.17
C3 GLC E . 16.97 25.78 13.43
C4 GLC E . 18.17 26.71 13.61
C5 GLC E . 18.50 27.52 12.34
C6 GLC E . 19.84 28.25 12.35
O2 GLC E . 15.78 24.30 11.97
O3 GLC E . 16.66 25.03 14.60
O4 GLC E . 17.78 27.66 14.61
O5 GLC E . 18.42 26.72 11.15
O6 GLC E . 20.81 27.35 12.86
C1 GLC E . 18.79 27.84 15.63
C2 GLC E . 18.16 27.53 17.00
C3 GLC E . 16.99 28.48 17.22
C4 GLC E . 17.45 29.93 17.09
C5 GLC E . 18.21 30.14 15.77
C6 GLC E . 18.78 31.55 15.65
O2 GLC E . 17.67 26.20 16.99
O3 GLC E . 16.40 28.25 18.50
O4 GLC E . 16.26 30.69 17.12
O5 GLC E . 19.27 29.19 15.63
O6 GLC E . 19.79 31.72 16.64
C1 GLC E . 16.20 31.68 18.15
C2 GLC E . 14.81 31.62 18.78
C3 GLC E . 13.74 31.89 17.72
C4 GLC E . 14.01 33.21 16.97
C5 GLC E . 15.49 33.35 16.57
C6 GLC E . 15.89 34.73 16.02
O2 GLC E . 14.63 30.34 19.38
O3 GLC E . 12.45 31.89 18.33
O4 GLC E . 13.26 33.22 15.75
O5 GLC E . 16.45 32.95 17.57
O6 GLC E . 15.84 35.66 17.09
C1 GLC E . 12.46 34.40 15.54
C2 GLC E . 11.00 33.97 15.36
C3 GLC E . 10.93 33.06 14.13
C4 GLC E . 11.58 33.70 12.89
C5 GLC E . 12.99 34.25 13.21
C6 GLC E . 13.55 35.07 12.04
O2 GLC E . 10.52 33.25 16.49
O3 GLC E . 9.56 32.75 13.82
O4 GLC E . 11.80 32.66 11.90
O5 GLC E . 12.98 35.07 14.38
O6 GLC E . 12.77 36.23 11.92
C1 GLC F . -10.25 2.24 12.18
C2 GLC F . -11.56 2.49 12.92
C3 GLC F . -11.52 1.96 14.35
C4 GLC F . -10.89 0.56 14.46
C5 GLC F . -9.69 0.27 13.53
C6 GLC F . -9.36 -1.22 13.42
O2 GLC F . -11.82 3.89 12.93
O3 GLC F . -12.84 1.93 14.87
O4 GLC F . -10.50 0.41 15.83
O5 GLC F . -9.86 0.86 12.24
O6 GLC F . -10.53 -1.91 13.00
C1 GLC F . -11.03 -0.81 16.37
C2 GLC F . -11.67 -0.48 17.72
C3 GLC F . -10.59 0.05 18.67
C4 GLC F . -9.44 -0.96 18.80
C5 GLC F . -9.09 -1.80 17.54
C6 GLC F . -8.79 -3.27 17.85
O2 GLC F . -12.65 0.55 17.54
O3 GLC F . -11.17 0.32 19.94
O4 GLC F . -8.32 -0.20 19.27
O5 GLC F . -10.04 -1.81 16.47
O6 GLC F . -8.21 -3.37 19.12
C1 GLC F . -7.75 -0.60 20.52
C2 GLC F . -7.74 0.54 21.56
C3 GLC F . -6.78 1.65 21.16
C4 GLC F . -5.42 1.17 20.59
C5 GLC F . -5.44 -0.16 19.80
C6 GLC F . -4.09 -0.86 19.69
O2 GLC F . -9.06 1.08 21.62
O3 GLC F . -6.54 2.57 22.22
O4 GLC F . -4.93 2.19 19.70
O5 GLC F . -6.43 -1.08 20.24
O6 GLC F . -3.31 -0.18 18.74
C1 GLC F . -3.64 2.69 20.09
C2 GLC F . -3.75 4.19 20.40
C3 GLC F . -4.17 4.94 19.13
C4 GLC F . -3.19 4.65 17.99
C5 GLC F . -3.04 3.12 17.83
C6 GLC F . -2.02 2.76 16.75
O2 GLC F . -4.73 4.38 21.42
O3 GLC F . -4.22 6.35 19.37
O4 GLC F . -3.80 5.23 16.83
O5 GLC F . -2.66 2.50 19.06
O6 GLC F . -0.82 3.45 17.04
C1 GLC F . -3.04 6.22 16.11
C2 GLC F . -3.91 7.44 15.85
C3 GLC F . -5.16 7.08 15.05
C4 GLC F . -4.82 6.30 13.76
C5 GLC F . -3.68 5.28 13.96
C6 GLC F . -3.06 4.84 12.63
O2 GLC F . -4.29 8.02 17.11
O3 GLC F . -5.83 8.28 14.67
O4 GLC F . -6.00 5.60 13.31
O5 GLC F . -2.63 5.67 14.85
O6 GLC F . -2.50 5.97 11.99
C1 GLC F . -6.39 5.86 11.97
C2 GLC F . -7.83 6.41 12.01
C3 GLC F . -8.75 5.35 12.62
C4 GLC F . -8.55 3.97 11.95
C5 GLC F . -7.05 3.60 11.89
C6 GLC F . -6.84 2.27 11.17
O2 GLC F . -7.94 7.56 12.84
O3 GLC F . -10.11 5.75 12.45
O4 GLC F . -9.16 2.98 12.78
O5 GLC F . -6.32 4.63 11.24
O6 GLC F . -7.35 2.44 9.86
O9 C8E G . -3.72 8.42 -8.17
C10 C8E G . -3.20 7.26 -7.55
C11 C8E G . -2.80 7.57 -6.12
O12 C8E G . -2.85 6.40 -5.34
C13 C8E G . -4.16 5.87 -5.29
C14 C8E G . -5.00 6.66 -4.29
O15 C8E G . -6.09 5.89 -3.85
C16 C8E G . -7.32 6.45 -4.27
C3 C8E H . 0.30 13.32 -28.85
C4 C8E H . -1.09 13.65 -28.33
C5 C8E H . -2.15 12.94 -29.18
C6 C8E H . -1.53 12.11 -30.29
C7 C8E H . -2.26 10.79 -30.41
C8 C8E H . -2.23 10.10 -29.06
O9 C8E H . -3.51 9.62 -28.74
C10 C8E H . -3.68 8.26 -29.06
C11 C8E H . -5.02 7.82 -28.48
O12 C8E H . -5.19 6.43 -28.58
C13 C8E H . -5.46 5.88 -27.31
C14 C8E H . -6.16 4.53 -27.48
O15 C8E H . -5.60 3.61 -26.57
C16 C8E H . -6.53 2.60 -26.22
C17 C8E H . -7.73 3.25 -25.57
O18 C8E H . -8.58 2.25 -25.07
C19 C8E H . -8.33 1.92 -23.73
C20 C8E H . -9.65 1.62 -23.04
O21 C8E H . -9.74 2.31 -21.82
C4 C8E I . 13.12 -22.89 -5.87
C5 C8E I . 14.38 -22.16 -6.31
C6 C8E I . 14.51 -22.16 -7.83
C7 C8E I . 15.37 -21.01 -8.34
C8 C8E I . 16.14 -21.39 -9.60
O9 C8E I . 15.39 -21.06 -10.75
C10 C8E I . 15.99 -20.06 -11.53
C11 C8E I . 15.39 -20.09 -12.93
O12 C8E I . 15.71 -21.31 -13.56
C14 C8E I . 15.23 -22.77 -18.21
O15 C8E I . 15.71 -23.31 -17.00
C16 C8E I . 16.04 -24.69 -17.11
C17 C8E I . 14.85 -25.46 -17.67
O18 C8E I . 14.84 -26.79 -17.19
C19 C8E I . 14.25 -27.63 -18.15
C20 C8E I . 13.92 -29.00 -17.56
O21 C8E I . 13.70 -28.84 -16.17
C3 C8E J . 20.44 -14.32 -16.15
C4 C8E J . 20.03 -15.37 -17.16
C5 C8E J . 19.17 -14.77 -18.27
C6 C8E J . 19.43 -15.49 -19.59
C7 C8E J . 18.20 -15.44 -20.49
C8 C8E J . 18.46 -16.19 -21.81
O9 C8E J . 17.26 -16.71 -22.33
C10 C8E J . 17.00 -16.27 -23.64
C14 C8E J . 9.72 -18.58 -31.11
O15 C8E J . 9.52 -18.82 -29.73
C16 C8E J . 10.50 -19.69 -29.19
C17 C8E J . 10.94 -19.17 -27.83
O18 C8E J . 12.13 -18.41 -27.90
C19 C8E J . 13.05 -18.79 -26.89
C20 C8E J . 13.02 -17.73 -25.80
O21 C8E J . 14.31 -17.56 -25.25
C6 C8E K . -0.03 -7.93 3.51
C7 C8E K . -0.33 -9.38 3.85
C8 C8E K . -1.35 -9.43 4.97
O9 C8E K . -2.64 -9.22 4.43
C10 C8E K . -3.56 -10.21 4.84
C11 C8E K . -4.97 -9.79 4.44
O12 C8E K . -5.14 -10.00 3.06
C13 C8E K . -6.44 -10.41 2.68
C14 C8E K . -6.30 -11.52 1.65
O15 C8E K . -5.41 -11.07 0.64
C16 C8E K . -4.96 -12.09 -0.23
C17 C8E K . -3.51 -12.38 0.14
O18 C8E K . -3.47 -13.13 1.32
C19 C8E K . -2.15 -13.47 1.71
C20 C8E K . -1.80 -12.67 2.97
O21 C8E K . -0.40 -12.55 3.08
C6 C8E L . 20.11 -7.37 -29.89
C7 C8E L . 21.33 -6.63 -29.38
C8 C8E L . 21.68 -5.49 -30.32
O9 C8E L . 22.60 -4.59 -29.74
C10 C8E L . 23.91 -5.11 -29.74
C11 C8E L . 24.78 -4.35 -30.74
O12 C8E L . 24.47 -4.85 -32.02
C13 C8E L . 25.19 -4.26 -33.07
C14 C8E L . 24.31 -4.27 -34.32
O15 C8E L . 24.53 -5.45 -35.05
C16 C8E L . 23.66 -5.56 -36.15
C17 C8E L . 22.27 -5.98 -35.64
C1 C8E M . 24.88 -8.77 -28.47
C2 C8E M . 26.11 -8.89 -27.57
C3 C8E M . 26.70 -7.54 -27.23
C4 C8E M . 27.96 -7.23 -28.05
C5 C8E M . 27.69 -6.12 -29.06
C6 C8E M . 28.81 -5.08 -29.04
C7 C8E M . 28.90 -4.35 -30.38
C8 C8E M . 29.40 -5.31 -31.46
O9 C8E M . 28.80 -5.04 -32.70
C10 C8E M . 29.77 -5.05 -33.73
C11 C8E M . 29.15 -5.67 -34.98
O9 C8E N . 20.59 2.28 -37.72
C10 C8E N . 21.62 2.30 -36.75
C11 C8E N . 22.12 0.89 -36.50
O12 C8E N . 21.54 0.03 -37.45
C13 C8E N . 22.44 -0.98 -37.88
C14 C8E N . 22.04 -2.33 -37.29
O15 C8E N . 20.85 -2.77 -37.89
C16 C8E N . 19.73 -2.70 -37.04
C17 C8E N . 18.90 -3.97 -37.20
O18 C8E N . 17.53 -3.63 -37.20
C1 C8E O . -19.60 -32.23 -13.74
C2 C8E O . -18.20 -31.65 -13.57
C3 C8E O . -17.83 -30.73 -14.73
C4 C8E O . -16.58 -29.92 -14.43
C5 C8E O . -16.10 -29.20 -15.68
C6 C8E O . -14.93 -28.28 -15.37
C7 C8E O . -14.35 -27.68 -16.65
C1 C8E P . -10.67 5.38 -26.25
C2 C8E P . -12.11 4.90 -26.19
C3 C8E P . -12.18 3.49 -25.61
C4 C8E P . -13.42 3.32 -24.73
C5 C8E P . -13.71 1.87 -24.41
C6 C8E P . -13.90 1.71 -22.91
C7 C8E P . -14.69 0.45 -22.53
C8 C8E P . -14.92 0.46 -21.03
O9 C8E P . -16.01 -0.37 -20.69
C10 C8E P . -15.72 -1.15 -19.55
C1 C8E Q . 16.19 -16.39 -3.31
C2 C8E Q . 15.92 -17.43 -4.40
C3 C8E Q . 17.23 -18.06 -4.88
C4 C8E Q . 16.97 -19.32 -5.68
C5 C8E Q . 18.18 -19.68 -6.56
C6 C8E Q . 18.18 -18.93 -7.88
C7 C8E Q . 19.44 -19.26 -8.70
C8 C8E Q . 19.30 -18.83 -10.16
O9 C8E Q . 20.54 -18.34 -10.65
C10 C8E Q . 20.84 -18.81 -11.95
C11 C8E Q . 21.79 -17.87 -12.71
O12 C8E Q . 21.38 -16.51 -12.64
C13 C8E Q . 22.30 -15.62 -13.25
C14 C8E Q . 22.65 -14.45 -12.33
O15 C8E Q . 21.59 -14.12 -11.45
C16 C8E Q . 21.81 -12.90 -10.77
C17 C8E Q . 22.19 -13.16 -9.32
O18 C8E Q . 22.21 -11.96 -8.57
C19 C8E Q . 21.14 -11.84 -7.65
C20 C8E Q . 21.46 -10.86 -6.51
O21 C8E Q . 20.78 -11.20 -5.32
C8 C8E R . 30.18 -10.78 -15.47
O9 C8E R . 30.40 -11.36 -14.20
C10 C8E R . 29.48 -10.90 -13.24
C11 C8E R . 28.33 -11.88 -13.05
O12 C8E R . 27.33 -11.31 -12.24
C13 C8E R . 27.47 -11.59 -10.87
C14 C8E R . 26.16 -12.18 -10.35
O15 C8E R . 25.88 -11.66 -9.06
C16 C8E R . 25.54 -10.29 -9.11
C17 C8E R . 24.68 -9.91 -7.91
O18 C8E R . 24.29 -8.56 -8.02
C19 C8E R . 23.66 -8.05 -6.87
C20 C8E R . 24.65 -7.22 -6.05
C1 C8E S . 7.28 -2.63 -12.04
C2 C8E S . 7.87 -2.63 -13.45
C3 C8E S . 6.78 -2.90 -14.49
C4 C8E S . 7.09 -2.20 -15.81
C5 C8E S . 7.27 -3.20 -16.94
C6 C8E S . 6.57 -2.75 -18.22
C7 C8E S . 5.16 -3.30 -18.30
C8 C8E S . 4.76 -3.59 -19.75
O9 C8E S . 4.12 -2.47 -20.30
C1 C8E T . -27.85 9.23 9.04
C2 C8E T . -26.62 10.04 9.47
C3 C8E T . -26.77 11.52 9.15
C4 C8E T . -25.85 11.98 8.03
C5 C8E T . -24.77 12.93 8.55
C6 C8E T . -23.63 13.05 7.55
C7 C8E T . -22.40 13.76 8.14
C8 C8E T . -21.36 13.97 7.03
O9 C8E T . -20.28 14.80 7.41
C10 C8E T . -19.59 15.25 6.26
C11 C8E T . -18.14 14.80 6.28
O12 C8E T . -18.05 13.43 5.95
C13 C8E T . -16.97 13.12 5.10
C14 C8E T . -17.27 11.85 4.31
O15 C8E T . -16.23 10.91 4.52
C16 C8E T . -15.63 10.51 3.32
C17 C8E T . -14.15 10.15 3.54
O18 C8E T . -13.50 9.90 2.32
C19 C8E T . -12.42 10.77 2.10
C20 C8E T . -11.15 9.95 1.90
O21 C8E T . -10.38 10.50 0.85
C4 C8E U . -18.06 10.39 7.43
C5 C8E U . -19.13 10.37 8.51
C6 C8E U . -20.24 9.40 8.12
C7 C8E U . -20.94 9.84 6.85
C8 C8E U . -21.82 8.71 6.32
O9 C8E U . -23.17 9.09 6.30
C10 C8E U . -23.92 8.33 5.38
C11 C8E U . -25.35 8.18 5.88
O12 C8E U . -25.93 6.97 5.45
C13 C8E U . -26.68 6.35 6.48
C14 C8E U . -26.86 4.88 6.19
O15 C8E U . -27.49 4.27 7.30
C16 C8E U . -27.20 2.88 7.36
C17 C8E U . -26.39 2.54 8.59
O18 C8E U . -26.25 1.14 8.70
C19 C8E U . -25.63 0.55 7.57
C1 C8E V . -19.37 8.61 2.73
C2 C8E V . -18.26 8.00 1.91
C3 C8E V . -18.82 6.93 0.98
C4 C8E V . -18.48 5.54 1.48
C5 C8E V . -18.93 4.51 0.46
C6 C8E V . -20.37 4.06 0.72
C7 C8E V . -20.49 2.55 0.53
C8 C8E V . -21.92 2.04 0.37
O9 C8E V . -21.93 0.81 -0.31
C10 C8E V . -22.71 -0.16 0.35
C11 C8E V . -22.94 -1.34 -0.59
O12 C8E V . -23.13 -0.86 -1.89
C7 C8E W . 2.87 -5.92 4.66
C8 C8E W . 1.88 -4.92 4.03
O9 C8E W . 2.32 -4.56 2.75
C10 C8E W . 2.06 -3.21 2.44
C11 C8E W . 3.33 -2.39 2.59
O12 C8E W . 4.06 -2.39 1.40
C13 C8E W . 5.10 -1.44 1.41
C14 C8E W . 6.32 -2.01 2.11
C1 C8E X . -29.54 9.06 13.15
C2 C8E X . -28.77 10.18 13.83
C3 C8E X . -27.30 10.14 13.42
C4 C8E X . -26.57 11.42 13.84
C5 C8E X . -25.63 11.90 12.74
C6 C8E X . -24.96 13.20 13.11
C7 C8E X . -23.71 13.46 12.28
C8 C8E X . -23.13 14.84 12.59
O9 C8E X . -21.75 14.77 12.85
C10 C8E X . -20.98 15.74 12.18
C11 C8E X . -19.73 16.05 13.00
O12 C8E X . -18.56 15.77 12.26
C13 C8E X . -17.58 16.78 12.39
C14 C8E X . -17.37 17.48 11.06
C7 C8E Y . -18.13 20.28 13.25
C8 C8E Y . -18.54 21.75 13.21
O9 C8E Y . -17.50 22.45 12.54
C10 C8E Y . -16.65 23.21 13.38
C11 C8E Y . -15.53 23.76 12.52
O12 C8E Y . -15.58 25.18 12.50
C13 C8E Y . -15.08 25.72 11.29
C14 C8E Y . -13.69 26.30 11.52
O15 C8E Y . -13.65 27.65 11.15
C1 C8E Z . -10.80 28.02 9.75
C2 C8E Z . -10.13 26.86 9.03
C3 C8E Z . -10.99 25.60 9.10
C4 C8E Z . -10.30 24.40 8.45
C5 C8E Z . -10.83 23.08 8.98
C6 C8E Z . -12.27 23.19 9.49
C7 C8E Z . -13.18 22.29 8.66
C8 C8E Z . -14.56 22.11 9.28
O9 C8E Z . -15.46 21.89 8.22
C10 C8E Z . -16.39 20.85 8.43
C11 C8E Z . -17.19 20.73 7.13
O12 C8E Z . -18.34 19.91 7.25
C13 C8E Z . -19.16 20.06 6.11
C14 C8E Z . -20.64 19.92 6.45
C6 C8E AA . -8.27 16.78 -1.08
C7 C8E AA . -7.63 15.61 -1.83
C8 C8E AA . -8.65 14.53 -2.17
O9 C8E AA . -8.18 13.76 -3.27
C10 C8E AA . -7.57 12.55 -2.88
C11 C8E AA . -7.22 11.70 -4.10
O12 C8E AA . -5.92 11.98 -4.57
C13 C8E AA . -5.19 10.80 -4.89
C14 C8E AA . -3.72 10.95 -4.51
O15 C8E AA . -3.23 12.25 -4.79
C16 C8E AA . -1.82 12.27 -4.89
C17 C8E AA . -1.27 13.67 -4.61
O18 C8E AA . -1.53 14.08 -3.29
O9 C8E BA . 8.84 1.64 2.15
C10 C8E BA . 9.21 0.65 1.21
C11 C8E BA . 9.60 -0.61 2.00
O12 C8E BA . 10.82 -1.16 1.55
C13 C8E BA . 11.99 -0.58 2.12
C14 C8E BA . 11.81 0.00 3.52
O15 C8E BA . 11.58 -1.00 4.50
C16 C8E BA . 10.49 -0.69 5.34
C17 C8E BA . 10.90 -0.81 6.80
C1 C8E CA . 17.92 33.08 11.23
C2 C8E CA . 17.60 31.75 11.91
C3 C8E CA . 16.15 31.74 12.40
C4 C8E CA . 15.68 30.33 12.71
C5 C8E CA . 14.48 30.31 13.65
C6 C8E CA . 13.52 29.19 13.29
C7 C8E CA . 12.79 28.67 14.53
C1 C8E DA . 0.14 4.87 34.45
C2 C8E DA . -0.42 3.59 33.86
C3 C8E DA . 0.65 2.86 33.03
C4 C8E DA . 0.39 1.36 32.96
C5 C8E DA . 1.13 0.76 31.77
C6 C8E DA . 1.52 -0.69 31.98
C7 C8E DA . 1.50 -1.41 30.63
C8 C8E DA . 2.34 -2.68 30.65
C10 C8E DA . -3.15 14.56 35.10
C11 C8E DA . -1.67 14.48 34.79
O12 C8E DA . -1.39 13.27 34.14
C13 C8E DA . -1.52 12.15 34.98
C14 C8E DA . -0.24 11.31 34.97
O15 C8E DA . -0.26 10.41 33.88
C16 C8E DA . -0.07 9.06 34.27
C17 C8E DA . -0.83 8.13 33.33
C19 C8E DA . -2.92 17.77 33.49
C20 C8E DA . -3.94 18.89 33.44
O21 C8E DA . -3.28 20.13 33.40
O9 C8E EA . -21.63 9.34 35.00
C10 C8E EA . -22.10 8.54 33.94
C11 C8E EA . -23.22 7.61 34.40
O12 C8E EA . -22.77 6.27 34.38
C13 C8E EA . -23.65 5.43 35.08
C14 C8E EA . -23.01 4.07 35.34
O15 C8E EA . -21.85 4.26 36.11
C16 C8E EA . -21.12 3.06 36.31
C17 C8E EA . -20.37 3.16 37.64
O18 C8E EA . -19.95 4.48 37.88
C19 C8E EA . -18.66 4.55 38.45
C20 C8E EA . -17.72 5.38 37.57
O21 C8E EA . -18.05 6.74 37.65
C1 C8E FA . -28.66 12.15 21.70
C2 C8E FA . -27.35 12.07 22.48
C3 C8E FA . -26.27 12.94 21.83
C4 C8E FA . -25.07 13.12 22.76
C5 C8E FA . -23.77 12.82 22.02
C6 C8E FA . -22.59 13.60 22.59
C7 C8E FA . -21.29 12.87 22.30
C3 C8E GA . -14.06 -4.31 38.69
C4 C8E GA . -13.45 -2.92 38.55
C5 C8E GA . -13.02 -2.67 37.11
C6 C8E GA . -11.94 -1.58 37.02
C7 C8E GA . -12.40 -0.43 36.13
C8 C8E GA . -11.22 0.28 35.49
O9 C8E GA . -10.92 1.46 36.18
C1 C8E HA . -1.94 -7.35 35.75
C2 C8E HA . -2.20 -8.77 35.24
C3 C8E HA . -3.51 -9.30 35.81
C4 C8E HA . -3.91 -10.60 35.11
C5 C8E HA . -4.88 -11.40 35.98
C6 C8E HA . -5.11 -12.79 35.40
C7 C8E HA . -6.53 -13.26 35.62
C8 C8E HA . -6.83 -14.47 34.72
C1 C8E IA . -4.32 -0.22 13.94
C2 C8E IA . -5.01 0.20 15.23
C3 C8E IA . -5.65 1.58 15.08
C4 C8E IA . -6.57 1.91 16.25
C5 C8E IA . -6.74 3.41 16.35
C6 C8E IA . -8.20 3.80 16.62
C7 C8E IA . -8.30 4.83 17.73
C3 C8E JA . -11.53 23.59 28.03
C4 C8E JA . -10.94 23.30 26.65
C5 C8E JA . -11.89 23.74 25.55
C6 C8E JA . -11.17 24.00 24.22
C7 C8E JA . -11.06 25.49 23.92
C8 C8E JA . -12.42 26.16 23.78
O9 C8E JA . -12.81 26.23 22.42
C10 C8E JA . -14.13 25.75 22.21
C11 C8E JA . -14.48 25.85 20.73
O12 C8E JA . -14.14 24.64 20.09
C13 C8E JA . -15.17 24.13 19.26
C14 C8E JA . -15.68 22.80 19.82
O15 C8E JA . -15.65 21.81 18.80
#